data_7L0S
#
_entry.id   7L0S
#
_cell.length_a   1.00
_cell.length_b   1.00
_cell.length_c   1.00
_cell.angle_alpha   90.00
_cell.angle_beta   90.00
_cell.angle_gamma   90.00
#
_symmetry.space_group_name_H-M   'P 1'
#
loop_
_entity.id
_entity.type
_entity.pdbx_description
1 polymer 'Neurotensin receptor type 1'
2 polymer Neurotensin
3 polymer 'Guanine nucleotide-binding protein G(i) subunit alpha-1'
4 polymer 'Guanine nucleotide-binding protein G(I)/G(S)/G(T) subunit beta-1'
5 polymer 'Guanine nucleotide-binding protein G(T) subunit gamma-T1'
#
loop_
_entity_poly.entity_id
_entity_poly.type
_entity_poly.pdbx_seq_one_letter_code
_entity_poly.pdbx_strand_id
1 'polypeptide(L)'
;GPGSGPNSDLDVNTDIYSKVLVTAIYLALFVVGTVGNSVTLFTLARKKSLQSLQSTVDYYLGSLALSDLLILLLAMPVEL
YNFIWVHHPWAFGDAGCRGYYFLRDACTYATALNVVSLSVERYLAICHPFKAKTLMSRSRTKKFISAIWLASALLAIPML
FTMGLQNLSGDGTHPGGLVCTPIVDTATLKVVIQVNTFMSFLFPMLVASILNTVIANKLTVMVHQAAFNMTIEPGRVQAL
RRGVLVLRAVVIAFVVCWLPYHVRRLMFCYISDEQWTTFLFDFYHYFYMLTNALVYVSAAINPILYNLVSANFRQVFLST
LACLCPGTRELEVLFQ
;
C
2 'polypeptide(L)' GPGGRRPYIL D
3 'polypeptide(L)'
;MGCTLSAEDKAAVERSKMIDRNLREDGEKAAREVKLLLLGAGESGKSTIVKQMKIIHEAGYSEEECKQYKAVVYSNTIQS
IIAIIRAMGRLKIDFGDSARADDARQLFVLAGAAEEGFMTAELAGVIKRLWKDSGVQACFNRSREYQLNDSAAYYLNDLD
RIAQPNYIPTQQDVLRTRVKTTGIVETHFTFKDLHFKMFDVGGQRSERKKWIHCFEGVTAIIFCVALSDYDLVLAEDEEM
NRMHESMKLFDSICNNKWFTDTSIILFLNKKDLFEEKIKKSPLTICYPEYAGSNTYEEAAAYIQCQFEDLNKRKDTKEIY
THFTCATDTKNVQFVFDAVTDVIIKNNLKDCGLF
;
A
4 'polypeptide(L)'
;MRGSHHHHHHHHHHLEVLFQGPSELDQLRQEAEQLKNQIRDARKACADATLSQITNNIDPVGRIQMRTRRTLRGHLAKIY
AMHWGTDSRLLVSASQDGKLIIWDSYTTNKVHAIPLRSSWVMTCAYAPSGNYVACGGLDNICSIYNLKTREGNVRVSREL
AGHTGYLSCCRFLDDNQIVTSSGDTTCALWDIETGQQTTTFTGHTGDVMSLSLAPDTRLFVSGACDASAKLWDVREGMCR
QTFTGHESDINAICFFPNGNAFATGSDDATCRLFDLRADQELMTYSHDNIICGITSVSFSKSGRLLLAGYDDFNCNVWDA
LKADRAGVLAGHDNRVSCLGVTDDGMAVATGSWDSFLKIWN
;
B
5 'polypeptide(L)'
;MYPYDVPDYAPVINIEDLTEKDKLKMEVDQLKKEVTLERMLVSKCCEEVRDYVEERSGEDPLVKGIPEDKNPFKELKGGC
VIS
;
G
#
# COMPACT_ATOMS: atom_id res chain seq x y z
N ASN A 7 -10.26 7.54 69.15
CA ASN A 7 -8.98 7.21 68.54
C ASN A 7 -8.89 7.77 67.13
N SER A 8 -8.91 9.10 67.02
CA SER A 8 -8.84 9.79 65.75
C SER A 8 -7.62 10.69 65.72
N ASP A 9 -6.60 10.28 64.97
CA ASP A 9 -5.43 11.12 64.75
C ASP A 9 -5.00 10.97 63.30
N LEU A 10 -3.89 11.63 62.97
CA LEU A 10 -3.26 11.83 61.65
C LEU A 10 -4.10 12.74 60.75
N ASP A 11 -5.24 13.24 61.22
CA ASP A 11 -6.09 14.18 60.50
C ASP A 11 -5.36 15.51 60.39
N VAL A 12 -5.32 16.07 59.19
CA VAL A 12 -4.65 17.36 58.97
C VAL A 12 -5.69 18.48 58.88
N ASN A 13 -5.57 19.42 59.81
CA ASN A 13 -6.44 20.57 60.01
C ASN A 13 -5.99 21.70 59.09
N THR A 14 -6.60 21.76 57.92
CA THR A 14 -6.39 22.79 56.90
C THR A 14 -7.51 23.82 56.90
N ASP A 15 -7.20 24.98 56.35
CA ASP A 15 -8.19 26.02 56.10
C ASP A 15 -9.22 25.54 55.09
N ILE A 16 -10.49 25.64 55.49
CA ILE A 16 -11.64 25.22 54.70
C ILE A 16 -11.81 26.03 53.42
N TYR A 17 -11.42 27.32 53.39
CA TYR A 17 -11.54 28.03 52.12
C TYR A 17 -10.54 27.54 51.07
N SER A 18 -9.35 27.08 51.48
CA SER A 18 -8.45 26.48 50.50
C SER A 18 -8.99 25.16 49.99
N LYS A 19 -9.62 24.38 50.88
CA LYS A 19 -10.23 23.12 50.48
C LYS A 19 -11.42 23.31 49.54
N VAL A 20 -12.28 24.31 49.79
CA VAL A 20 -13.40 24.57 48.86
C VAL A 20 -12.87 25.05 47.51
N LEU A 21 -11.76 25.79 47.55
CA LEU A 21 -11.22 26.44 46.33
C LEU A 21 -10.52 25.41 45.45
N VAL A 22 -9.94 24.36 46.05
CA VAL A 22 -9.38 23.28 45.23
C VAL A 22 -10.43 22.26 44.84
N THR A 23 -11.54 22.13 45.59
CA THR A 23 -12.66 21.33 45.09
C THR A 23 -13.27 21.96 43.85
N ALA A 24 -13.38 23.29 43.83
CA ALA A 24 -13.91 23.97 42.65
C ALA A 24 -12.99 23.79 41.45
N ILE A 25 -11.67 23.84 41.66
CA ILE A 25 -10.72 23.51 40.59
C ILE A 25 -10.89 22.07 40.13
N TYR A 26 -11.08 21.15 41.07
CA TYR A 26 -11.22 19.74 40.73
C TYR A 26 -12.48 19.48 39.93
N LEU A 27 -13.58 20.14 40.29
CA LEU A 27 -14.81 20.00 39.53
C LEU A 27 -14.72 20.64 38.15
N ALA A 28 -14.01 21.77 38.03
CA ALA A 28 -13.81 22.38 36.71
C ALA A 28 -13.00 21.49 35.78
N LEU A 29 -11.91 20.92 36.31
CA LEU A 29 -11.09 19.96 35.50
C LEU A 29 -11.90 18.70 35.22
N PHE A 30 -12.77 18.31 36.14
CA PHE A 30 -13.63 17.13 35.96
C PHE A 30 -14.55 17.32 34.77
N VAL A 31 -15.31 18.42 34.76
CA VAL A 31 -16.28 18.63 33.70
C VAL A 31 -15.58 18.88 32.36
N VAL A 32 -14.45 19.61 32.37
CA VAL A 32 -13.76 19.92 31.13
C VAL A 32 -13.11 18.68 30.54
N GLY A 33 -12.49 17.85 31.39
CA GLY A 33 -11.84 16.66 30.89
C GLY A 33 -12.83 15.62 30.41
N THR A 34 -13.95 15.46 31.13
CA THR A 34 -14.96 14.51 30.67
C THR A 34 -15.60 14.93 29.35
N VAL A 35 -15.96 16.21 29.19
CA VAL A 35 -16.55 16.65 27.92
C VAL A 35 -15.55 16.56 26.77
N GLY A 36 -14.29 16.98 27.00
CA GLY A 36 -13.28 16.94 25.96
C GLY A 36 -12.95 15.53 25.53
N ASN A 37 -12.83 14.62 26.50
CA ASN A 37 -12.43 13.26 26.16
C ASN A 37 -13.59 12.50 25.54
N SER A 38 -14.82 12.79 25.99
CA SER A 38 -15.99 12.18 25.37
C SER A 38 -16.14 12.60 23.91
N VAL A 39 -15.93 13.89 23.63
CA VAL A 39 -16.17 14.34 22.26
C VAL A 39 -15.01 13.91 21.35
N THR A 40 -13.78 13.82 21.89
CA THR A 40 -12.69 13.32 21.04
C THR A 40 -12.83 11.84 20.74
N LEU A 41 -13.22 10.99 21.71
CA LEU A 41 -13.45 9.58 21.37
C LEU A 41 -14.62 9.39 20.43
N PHE A 42 -15.70 10.16 20.59
CA PHE A 42 -16.79 10.06 19.61
C PHE A 42 -16.34 10.52 18.22
N THR A 43 -15.47 11.53 18.15
CA THR A 43 -15.04 12.03 16.85
C THR A 43 -14.09 11.06 16.13
N LEU A 44 -13.14 10.52 16.90
CA LEU A 44 -12.17 9.55 16.33
C LEU A 44 -12.90 8.22 16.05
N ALA A 45 -14.02 7.97 16.73
CA ALA A 45 -14.72 6.72 16.53
C ALA A 45 -15.61 6.79 15.30
N ARG A 46 -16.24 7.94 15.07
CA ARG A 46 -17.05 8.15 13.88
C ARG A 46 -16.15 8.32 12.65
N GLN A 54 -3.25 9.44 8.83
CA GLN A 54 -3.14 7.99 8.86
C GLN A 54 -3.78 7.48 10.13
N SER A 55 -4.31 6.26 10.07
CA SER A 55 -5.14 5.65 11.10
C SER A 55 -4.43 5.40 12.42
N THR A 56 -3.13 5.10 12.36
CA THR A 56 -2.36 4.82 13.56
C THR A 56 -2.24 6.02 14.50
N VAL A 57 -2.01 7.23 13.97
CA VAL A 57 -1.96 8.38 14.87
C VAL A 57 -3.35 8.69 15.43
N ASP A 58 -4.41 8.31 14.72
CA ASP A 58 -5.76 8.43 15.27
C ASP A 58 -5.96 7.48 16.44
N TYR A 59 -5.56 6.22 16.30
CA TYR A 59 -5.69 5.30 17.42
C TYR A 59 -4.76 5.65 18.57
N TYR A 60 -3.61 6.27 18.28
CA TYR A 60 -2.72 6.72 19.35
C TYR A 60 -3.35 7.85 20.15
N LEU A 61 -3.90 8.85 19.46
CA LEU A 61 -4.56 9.94 20.15
C LEU A 61 -5.80 9.47 20.88
N GLY A 62 -6.53 8.52 20.29
CA GLY A 62 -7.67 7.96 20.98
C GLY A 62 -7.29 7.15 22.21
N SER A 63 -6.18 6.42 22.15
CA SER A 63 -5.73 5.67 23.32
C SER A 63 -5.27 6.59 24.45
N LEU A 64 -4.55 7.66 24.10
CA LEU A 64 -4.13 8.60 25.13
C LEU A 64 -5.30 9.35 25.75
N ALA A 65 -6.26 9.78 24.92
CA ALA A 65 -7.47 10.41 25.41
C ALA A 65 -8.32 9.45 26.22
N LEU A 66 -8.32 8.17 25.84
CA LEU A 66 -9.06 7.15 26.56
C LEU A 66 -8.44 6.97 27.94
N SER A 67 -7.11 6.91 28.01
CA SER A 67 -6.43 6.72 29.28
C SER A 67 -6.66 7.92 30.19
N ASP A 68 -6.74 9.12 29.60
CA ASP A 68 -7.00 10.30 30.41
C ASP A 68 -8.44 10.32 30.92
N LEU A 69 -9.40 9.90 30.09
CA LEU A 69 -10.78 9.78 30.57
C LEU A 69 -10.92 8.73 31.66
N LEU A 70 -10.18 7.62 31.57
CA LEU A 70 -10.25 6.61 32.61
C LEU A 70 -9.59 7.09 33.90
N ILE A 71 -8.50 7.86 33.78
CA ILE A 71 -7.84 8.39 34.98
C ILE A 71 -8.77 9.39 35.67
N LEU A 72 -9.57 10.13 34.89
CA LEU A 72 -10.50 11.08 35.51
C LEU A 72 -11.68 10.36 36.17
N LEU A 73 -12.42 9.55 35.40
CA LEU A 73 -13.62 8.92 35.94
C LEU A 73 -13.30 7.91 37.03
N LEU A 74 -12.14 7.24 36.98
CA LEU A 74 -11.83 6.34 38.07
C LEU A 74 -11.24 7.09 39.25
N ALA A 75 -10.10 7.78 39.05
CA ALA A 75 -9.36 8.30 40.18
C ALA A 75 -10.05 9.50 40.82
N MET A 76 -10.56 10.44 40.02
CA MET A 76 -11.10 11.71 40.51
C MET A 76 -12.16 11.62 41.61
N PRO A 77 -13.29 10.89 41.47
CA PRO A 77 -14.31 11.02 42.51
C PRO A 77 -13.97 10.28 43.80
N VAL A 78 -13.23 9.19 43.73
CA VAL A 78 -12.80 8.52 44.95
C VAL A 78 -11.73 9.33 45.67
N GLU A 79 -10.77 9.90 44.93
CA GLU A 79 -9.70 10.66 45.57
C GLU A 79 -10.30 11.91 46.20
N LEU A 80 -11.29 12.49 45.51
CA LEU A 80 -12.10 13.59 46.01
C LEU A 80 -12.72 13.24 47.36
N TYR A 81 -13.59 12.23 47.36
CA TYR A 81 -14.37 11.91 48.55
C TYR A 81 -13.51 11.39 49.68
N ASN A 82 -12.40 10.72 49.37
CA ASN A 82 -11.58 10.03 50.36
C ASN A 82 -10.27 10.72 50.70
N PHE A 83 -10.04 11.94 50.24
CA PHE A 83 -8.90 12.67 50.77
C PHE A 83 -9.33 14.07 51.16
N ILE A 84 -10.34 14.60 50.47
CA ILE A 84 -10.81 15.95 50.75
C ILE A 84 -11.85 15.94 51.87
N TRP A 85 -12.87 15.08 51.80
CA TRP A 85 -13.93 15.14 52.81
C TRP A 85 -13.60 14.20 53.98
N VAL A 86 -13.50 12.90 53.74
CA VAL A 86 -13.18 12.00 54.85
C VAL A 86 -11.68 11.84 54.59
N HIS A 87 -10.86 12.47 55.43
CA HIS A 87 -9.43 12.37 55.23
C HIS A 87 -8.81 11.09 55.79
N HIS A 88 -9.37 10.51 56.84
CA HIS A 88 -8.75 9.27 57.30
C HIS A 88 -9.30 7.95 56.74
N PRO A 89 -10.64 7.60 56.79
CA PRO A 89 -10.92 6.17 56.53
C PRO A 89 -11.00 5.82 55.05
N TRP A 90 -10.55 4.62 54.69
CA TRP A 90 -10.77 4.10 53.35
C TRP A 90 -12.25 3.74 53.13
N ALA A 91 -12.89 4.33 52.13
CA ALA A 91 -14.34 4.11 52.05
C ALA A 91 -14.59 2.76 51.39
N PHE A 92 -13.57 2.23 50.71
CA PHE A 92 -13.70 1.23 49.67
C PHE A 92 -13.15 -0.14 50.03
N GLY A 93 -12.61 -0.32 51.23
CA GLY A 93 -12.19 -1.64 51.65
C GLY A 93 -10.83 -2.01 51.06
N ASP A 94 -10.45 -3.26 51.30
CA ASP A 94 -9.09 -3.73 51.00
C ASP A 94 -8.85 -3.81 49.50
N ALA A 95 -9.72 -4.53 48.79
CA ALA A 95 -9.67 -4.60 47.34
C ALA A 95 -9.93 -3.22 46.73
N GLY A 96 -10.63 -2.35 47.48
CA GLY A 96 -10.76 -0.96 47.05
C GLY A 96 -9.42 -0.25 46.98
N CYS A 97 -8.58 -0.37 48.03
CA CYS A 97 -7.23 0.20 47.99
C CYS A 97 -6.41 -0.39 46.86
N ARG A 98 -6.43 -1.73 46.74
CA ARG A 98 -5.61 -2.41 45.75
C ARG A 98 -6.05 -2.03 44.33
N GLY A 99 -7.36 -1.94 44.11
CA GLY A 99 -7.86 -1.60 42.79
C GLY A 99 -7.63 -0.13 42.49
N TYR A 100 -7.72 0.74 43.51
CA TYR A 100 -7.47 2.15 43.28
C TYR A 100 -6.04 2.43 42.87
N TYR A 101 -5.08 1.86 43.60
CA TYR A 101 -3.70 2.10 43.19
C TYR A 101 -3.32 1.32 41.94
N PHE A 102 -3.99 0.19 41.66
CA PHE A 102 -3.74 -0.52 40.41
C PHE A 102 -4.22 0.26 39.21
N LEU A 103 -5.47 0.74 39.27
CA LEU A 103 -6.02 1.58 38.19
C LEU A 103 -5.14 2.83 38.03
N ARG A 104 -4.97 3.59 39.12
CA ARG A 104 -4.26 4.86 39.06
C ARG A 104 -2.88 4.70 38.42
N ASP A 105 -2.11 3.69 38.85
CA ASP A 105 -0.77 3.58 38.31
C ASP A 105 -0.77 2.94 36.92
N ALA A 106 -1.77 2.11 36.62
CA ALA A 106 -1.90 1.59 35.27
C ALA A 106 -2.24 2.70 34.29
N CYS A 107 -3.06 3.67 34.72
CA CYS A 107 -3.35 4.83 33.90
C CYS A 107 -2.14 5.74 33.80
N THR A 108 -1.33 5.82 34.85
CA THR A 108 -0.11 6.62 34.77
C THR A 108 0.88 6.04 33.76
N TYR A 109 1.10 4.73 33.79
CA TYR A 109 1.92 4.10 32.75
C TYR A 109 1.28 4.16 31.37
N ALA A 110 -0.05 4.10 31.28
CA ALA A 110 -0.70 4.23 29.98
C ALA A 110 -0.48 5.60 29.38
N THR A 111 -0.58 6.65 30.20
CA THR A 111 -0.38 8.01 29.70
C THR A 111 1.08 8.24 29.31
N ALA A 112 2.01 7.81 30.17
CA ALA A 112 3.43 8.00 29.89
C ALA A 112 3.88 7.20 28.66
N LEU A 113 3.37 5.98 28.50
CA LEU A 113 3.81 5.23 27.32
C LEU A 113 3.09 5.66 26.06
N ASN A 114 1.85 6.17 26.18
CA ASN A 114 1.21 6.77 25.02
C ASN A 114 1.95 8.00 24.53
N VAL A 115 2.34 8.91 25.42
CA VAL A 115 3.06 10.10 24.98
C VAL A 115 4.44 9.73 24.42
N VAL A 116 5.09 8.68 24.99
CA VAL A 116 6.31 8.14 24.40
C VAL A 116 6.07 7.66 22.98
N SER A 117 5.02 6.87 22.80
CA SER A 117 4.78 6.27 21.50
C SER A 117 4.38 7.31 20.46
N LEU A 118 3.59 8.30 20.86
CA LEU A 118 3.26 9.38 19.94
C LEU A 118 4.48 10.21 19.56
N SER A 119 5.41 10.42 20.49
CA SER A 119 6.61 11.17 20.12
C SER A 119 7.55 10.35 19.23
N VAL A 120 7.68 9.05 19.50
CA VAL A 120 8.48 8.20 18.62
C VAL A 120 7.82 8.09 17.25
N GLU A 121 6.48 8.07 17.22
CA GLU A 121 5.77 7.98 15.96
C GLU A 121 5.96 9.24 15.13
N ARG A 122 5.94 10.41 15.76
CA ARG A 122 6.20 11.63 14.98
C ARG A 122 7.66 11.72 14.51
N TYR A 123 8.61 11.31 15.36
CA TYR A 123 10.02 11.30 14.95
C TYR A 123 10.25 10.31 13.82
N LEU A 124 9.62 9.16 13.93
CA LEU A 124 9.60 8.16 12.87
C LEU A 124 8.92 8.72 11.62
N ALA A 125 7.78 9.38 11.80
CA ALA A 125 6.95 9.81 10.68
C ALA A 125 7.61 10.91 9.87
N ILE A 126 8.62 11.57 10.45
CA ILE A 126 9.21 12.69 9.74
C ILE A 126 10.65 12.36 9.32
N CYS A 127 11.41 11.71 10.21
CA CYS A 127 12.82 11.48 9.91
C CYS A 127 13.09 10.09 9.33
N HIS A 128 12.18 9.13 9.54
CA HIS A 128 12.25 7.82 8.88
C HIS A 128 10.95 7.37 8.23
N PRO A 129 10.58 7.88 7.06
CA PRO A 129 9.23 7.66 6.53
C PRO A 129 8.98 6.22 6.09
N PHE A 130 10.01 5.55 5.59
CA PHE A 130 9.88 4.14 5.21
C PHE A 130 9.78 3.27 6.45
N LYS A 131 10.65 3.52 7.43
CA LYS A 131 10.66 2.76 8.67
C LYS A 131 9.38 3.00 9.46
N ALA A 132 8.77 4.18 9.28
CA ALA A 132 7.46 4.41 9.88
C ALA A 132 6.35 3.78 9.07
N LYS A 133 6.55 3.62 7.76
CA LYS A 133 5.56 2.88 6.99
C LYS A 133 5.54 1.41 7.41
N THR A 134 6.72 0.83 7.60
CA THR A 134 6.80 -0.58 7.98
C THR A 134 6.44 -0.80 9.44
N LEU A 135 6.67 0.18 10.31
CA LEU A 135 6.35 -0.05 11.71
C LEU A 135 4.88 0.21 12.00
N MET A 136 4.17 0.85 11.07
CA MET A 136 2.78 1.25 11.28
C MET A 136 1.90 0.45 10.34
N SER A 137 0.93 -0.23 10.94
CA SER A 137 -0.17 -0.91 10.30
C SER A 137 -1.28 -0.95 11.33
N ARG A 138 -2.54 -0.89 10.89
CA ARG A 138 -3.63 -0.80 11.86
C ARG A 138 -3.74 -2.09 12.66
N SER A 139 -3.34 -3.22 12.06
CA SER A 139 -3.30 -4.46 12.83
C SER A 139 -2.23 -4.36 13.91
N ARG A 140 -1.03 -3.92 13.51
CA ARG A 140 0.08 -3.74 14.43
C ARG A 140 -0.19 -2.65 15.44
N THR A 141 -0.93 -1.61 15.04
CA THR A 141 -1.21 -0.52 15.98
C THR A 141 -2.24 -0.94 17.02
N LYS A 142 -3.26 -1.70 16.63
CA LYS A 142 -4.21 -2.16 17.64
C LYS A 142 -3.59 -3.21 18.55
N LYS A 143 -2.73 -4.08 17.98
CA LYS A 143 -1.93 -5.00 18.79
C LYS A 143 -1.00 -4.25 19.72
N PHE A 144 -0.43 -3.14 19.25
CA PHE A 144 0.57 -2.40 20.03
C PHE A 144 -0.09 -1.66 21.18
N ILE A 145 -1.25 -1.04 20.94
CA ILE A 145 -1.95 -0.36 22.03
C ILE A 145 -2.49 -1.36 23.04
N SER A 146 -2.96 -2.54 22.58
CA SER A 146 -3.38 -3.57 23.53
C SER A 146 -2.19 -4.07 24.34
N ALA A 147 -1.02 -4.13 23.70
CA ALA A 147 0.22 -4.51 24.36
C ALA A 147 0.61 -3.48 25.41
N ILE A 148 0.41 -2.20 25.10
CA ILE A 148 0.85 -1.15 26.02
C ILE A 148 -0.13 -1.04 27.19
N TRP A 149 -1.41 -1.38 26.97
CA TRP A 149 -2.32 -1.43 28.10
C TRP A 149 -2.04 -2.66 28.98
N LEU A 150 -1.62 -3.76 28.36
CA LEU A 150 -1.24 -4.93 29.13
C LEU A 150 0.05 -4.70 29.91
N ALA A 151 1.00 -3.99 29.30
CA ALA A 151 2.23 -3.64 29.99
C ALA A 151 1.99 -2.64 31.12
N SER A 152 1.02 -1.74 30.95
CA SER A 152 0.72 -0.83 32.06
C SER A 152 0.03 -1.57 33.19
N ALA A 153 -0.67 -2.66 32.85
CA ALA A 153 -1.27 -3.47 33.90
C ALA A 153 -0.20 -4.33 34.58
N LEU A 154 0.82 -4.76 33.83
CA LEU A 154 1.85 -5.59 34.44
C LEU A 154 2.73 -4.73 35.33
N LEU A 155 3.02 -3.50 34.90
CA LEU A 155 3.83 -2.62 35.73
C LEU A 155 3.02 -2.04 36.88
N ALA A 156 1.69 -2.21 36.84
CA ALA A 156 0.84 -1.80 37.95
C ALA A 156 0.55 -2.92 38.95
N ILE A 157 0.82 -4.18 38.59
CA ILE A 157 0.88 -5.30 39.53
C ILE A 157 1.76 -5.01 40.76
N PRO A 158 2.92 -4.34 40.67
CA PRO A 158 3.60 -3.94 41.91
C PRO A 158 2.87 -2.88 42.71
N MET A 159 1.84 -2.21 42.18
CA MET A 159 1.10 -1.39 43.13
C MET A 159 -0.03 -2.18 43.76
N LEU A 160 -0.19 -3.43 43.35
CA LEU A 160 -1.13 -4.34 43.99
C LEU A 160 -0.46 -4.93 45.23
N PHE A 161 0.67 -5.62 45.02
CA PHE A 161 1.25 -6.36 46.14
C PHE A 161 1.92 -5.50 47.19
N THR A 162 2.37 -4.28 46.85
CA THR A 162 3.03 -3.45 47.85
C THR A 162 2.04 -2.79 48.80
N MET A 163 0.85 -2.47 48.34
CA MET A 163 -0.06 -1.56 49.02
C MET A 163 -1.13 -2.34 49.77
N GLY A 164 -1.74 -1.69 50.75
CA GLY A 164 -2.77 -2.38 51.51
C GLY A 164 -3.33 -1.50 52.60
N LEU A 165 -4.00 -2.16 53.54
CA LEU A 165 -4.57 -1.55 54.72
C LEU A 165 -3.59 -1.66 55.87
N GLN A 166 -3.61 -0.65 56.74
CA GLN A 166 -2.91 -0.83 58.02
C GLN A 166 -3.63 0.03 59.05
N ASN A 167 -3.69 -0.46 60.28
CA ASN A 167 -4.32 0.29 61.36
C ASN A 167 -3.24 1.01 62.14
N LEU A 168 -3.24 2.34 62.07
CA LEU A 168 -2.31 3.22 62.75
C LEU A 168 -3.03 4.08 63.77
N SER A 169 -3.91 3.45 64.54
CA SER A 169 -4.58 4.13 65.63
C SER A 169 -3.65 4.19 66.84
N GLY A 170 -4.19 4.59 68.00
CA GLY A 170 -3.37 4.69 69.19
C GLY A 170 -2.90 3.35 69.71
N ASP A 171 -3.65 2.29 69.41
CA ASP A 171 -3.26 0.93 69.81
C ASP A 171 -3.38 -0.06 68.66
N GLY A 172 -3.76 0.39 67.46
CA GLY A 172 -3.79 -0.50 66.32
C GLY A 172 -5.02 -1.35 66.23
N THR A 173 -6.05 -1.06 67.03
CA THR A 173 -7.27 -1.86 67.03
C THR A 173 -8.54 -1.07 66.75
N HIS A 174 -8.47 0.25 66.61
CA HIS A 174 -9.67 1.02 66.34
C HIS A 174 -10.13 0.82 64.89
N PRO A 175 -11.44 0.66 64.67
CA PRO A 175 -11.93 0.52 63.29
C PRO A 175 -11.91 1.81 62.48
N GLY A 176 -11.56 2.95 63.07
CA GLY A 176 -11.41 4.15 62.27
C GLY A 176 -9.97 4.62 62.16
N GLY A 177 -9.04 3.87 62.75
CA GLY A 177 -7.63 4.23 62.68
C GLY A 177 -6.96 3.58 61.49
N LEU A 178 -7.76 2.91 60.68
CA LEU A 178 -7.30 2.17 59.51
C LEU A 178 -7.06 3.10 58.33
N VAL A 179 -5.88 3.01 57.73
CA VAL A 179 -5.47 3.82 56.60
C VAL A 179 -5.13 2.92 55.43
N CYS A 180 -4.75 3.56 54.31
CA CYS A 180 -4.44 2.90 53.05
C CYS A 180 -3.03 3.34 52.69
N THR A 181 -2.07 2.43 52.78
CA THR A 181 -0.67 2.79 52.85
C THR A 181 0.16 1.65 52.27
N PRO A 182 1.40 1.93 51.86
CA PRO A 182 2.33 0.82 51.59
C PRO A 182 2.67 0.10 52.90
N ILE A 183 2.40 -1.20 52.93
CA ILE A 183 2.54 -1.97 54.15
C ILE A 183 3.93 -2.60 54.24
N VAL A 184 4.85 -2.14 53.40
CA VAL A 184 6.17 -2.71 53.32
C VAL A 184 7.17 -1.67 53.83
N ASP A 185 8.39 -2.12 54.11
CA ASP A 185 9.38 -1.28 54.76
C ASP A 185 9.96 -0.26 53.78
N THR A 186 10.77 0.65 54.32
CA THR A 186 11.14 1.87 53.60
C THR A 186 12.12 1.60 52.47
N ALA A 187 12.94 0.57 52.59
CA ALA A 187 13.94 0.30 51.55
C ALA A 187 13.29 -0.28 50.30
N THR A 188 12.43 -1.29 50.48
CA THR A 188 11.61 -1.83 49.40
C THR A 188 10.69 -0.78 48.79
N LEU A 189 10.03 0.02 49.63
CA LEU A 189 9.21 1.14 49.18
C LEU A 189 10.04 2.08 48.31
N LYS A 190 11.25 2.40 48.78
CA LYS A 190 12.08 3.38 48.10
C LYS A 190 12.54 2.86 46.77
N VAL A 191 12.91 1.59 46.69
CA VAL A 191 13.37 1.04 45.41
C VAL A 191 12.20 0.91 44.42
N VAL A 192 11.02 0.44 44.86
CA VAL A 192 9.89 0.30 43.92
C VAL A 192 9.42 1.67 43.40
N ILE A 193 9.25 2.65 44.30
CA ILE A 193 8.76 3.95 43.85
C ILE A 193 9.83 4.71 43.08
N GLN A 194 11.11 4.51 43.41
CA GLN A 194 12.12 5.25 42.68
C GLN A 194 12.42 4.63 41.33
N VAL A 195 12.24 3.31 41.15
CA VAL A 195 12.35 2.80 39.80
C VAL A 195 11.11 3.16 38.97
N ASN A 196 9.94 3.29 39.61
CA ASN A 196 8.76 3.79 38.89
C ASN A 196 8.96 5.21 38.38
N THR A 197 9.37 6.14 39.26
CA THR A 197 9.60 7.53 38.84
C THR A 197 10.76 7.64 37.87
N PHE A 198 11.78 6.79 38.05
CA PHE A 198 12.96 6.76 37.18
C PHE A 198 12.58 6.38 35.76
N MET A 199 12.02 5.19 35.56
CA MET A 199 11.79 4.83 34.16
C MET A 199 10.58 5.56 33.58
N SER A 200 9.40 5.47 34.24
CA SER A 200 8.20 6.20 33.87
C SER A 200 8.28 7.72 33.73
N PHE A 201 9.32 8.40 34.20
CA PHE A 201 9.39 9.82 33.93
C PHE A 201 10.67 10.22 33.23
N LEU A 202 11.82 9.70 33.63
CA LEU A 202 13.05 10.18 33.03
C LEU A 202 13.24 9.59 31.64
N PHE A 203 12.53 8.48 31.31
CA PHE A 203 12.58 8.05 29.92
C PHE A 203 11.59 8.81 29.03
N PRO A 204 10.31 9.05 29.42
CA PRO A 204 9.48 9.94 28.59
C PRO A 204 9.92 11.38 28.48
N MET A 205 10.56 11.97 29.50
CA MET A 205 11.10 13.32 29.34
C MET A 205 12.21 13.34 28.31
N LEU A 206 13.01 12.27 28.28
CA LEU A 206 14.12 12.19 27.34
C LEU A 206 13.62 12.06 25.91
N VAL A 207 12.69 11.12 25.67
CA VAL A 207 12.25 10.89 24.29
C VAL A 207 11.41 12.06 23.79
N ALA A 208 10.55 12.61 24.66
CA ALA A 208 9.73 13.75 24.25
C ALA A 208 10.59 14.97 23.96
N SER A 209 11.54 15.28 24.86
CA SER A 209 12.39 16.46 24.72
C SER A 209 13.26 16.39 23.48
N ILE A 210 14.02 15.29 23.32
CA ILE A 210 14.99 15.24 22.22
C ILE A 210 14.30 15.03 20.88
N LEU A 211 13.38 14.07 20.81
CA LEU A 211 12.64 13.82 19.54
C LEU A 211 11.93 15.11 19.13
N ASN A 212 11.09 15.64 20.02
CA ASN A 212 10.30 16.80 19.63
C ASN A 212 11.19 18.01 19.36
N THR A 213 12.36 18.08 19.99
CA THR A 213 13.32 19.13 19.64
C THR A 213 13.83 18.99 18.22
N VAL A 214 14.12 17.76 17.77
CA VAL A 214 14.67 17.62 16.41
C VAL A 214 13.55 17.75 15.37
N ILE A 215 12.32 17.36 15.74
CA ILE A 215 11.17 17.68 14.89
C ILE A 215 10.98 19.19 14.79
N ALA A 216 11.13 19.92 15.91
CA ALA A 216 10.99 21.37 15.86
C ALA A 216 12.11 22.02 15.07
N ASN A 217 13.30 21.40 15.04
CA ASN A 217 14.37 21.87 14.18
C ASN A 217 14.00 21.71 12.72
N LYS A 218 13.48 20.52 12.36
CA LYS A 218 13.03 20.27 10.99
C LYS A 218 11.89 21.20 10.60
N LEU A 219 10.97 21.46 11.52
CA LEU A 219 9.87 22.33 11.17
C LEU A 219 10.29 23.79 11.09
N THR A 220 11.24 24.23 11.91
CA THR A 220 11.69 25.61 11.76
C THR A 220 12.56 25.83 10.52
N VAL A 221 13.36 24.84 10.12
CA VAL A 221 14.03 24.94 8.81
C VAL A 221 13.00 24.98 7.68
N MET A 222 11.95 24.17 7.76
CA MET A 222 10.92 24.21 6.72
C MET A 222 10.14 25.52 6.73
N VAL A 223 9.98 26.14 7.91
CA VAL A 223 9.35 27.45 7.96
C VAL A 223 10.24 28.51 7.31
N HIS A 224 11.54 28.43 7.57
CA HIS A 224 12.48 29.37 6.94
C HIS A 224 12.60 29.11 5.45
N GLN A 225 12.30 27.88 5.01
CA GLN A 225 12.21 27.61 3.59
C GLN A 225 10.79 27.83 3.08
N ALA A 226 9.87 28.19 3.96
CA ALA A 226 8.55 28.58 3.51
C ALA A 226 8.47 30.10 3.36
N ALA A 227 9.31 30.81 4.10
CA ALA A 227 9.49 32.24 3.89
C ALA A 227 10.71 32.53 3.02
N ASN A 229 9.41 29.53 -1.09
CA ASN A 229 8.21 29.01 -1.73
C ASN A 229 6.98 29.85 -1.42
N MET A 230 7.15 31.17 -1.25
CA MET A 230 6.01 32.05 -1.08
C MET A 230 5.16 32.12 -2.34
N THR A 231 5.75 31.78 -3.50
CA THR A 231 4.99 31.70 -4.74
C THR A 231 4.03 30.52 -4.73
N ILE A 232 4.34 29.46 -3.99
CA ILE A 232 3.44 28.32 -3.94
C ILE A 232 2.42 28.49 -2.82
N GLU A 233 2.69 29.39 -1.89
CA GLU A 233 2.07 29.26 -0.58
C GLU A 233 0.72 29.97 -0.53
N PRO A 234 -0.34 29.26 -0.16
CA PRO A 234 -1.58 29.92 0.28
C PRO A 234 -1.46 30.36 1.73
N GLY A 235 -2.57 30.72 2.35
CA GLY A 235 -2.54 31.03 3.77
C GLY A 235 -2.34 29.79 4.64
N ARG A 236 -1.16 29.20 4.55
CA ARG A 236 -0.82 27.93 5.18
C ARG A 236 0.57 27.95 5.80
N VAL A 237 1.01 29.07 6.37
CA VAL A 237 2.20 29.10 7.22
C VAL A 237 1.77 29.24 8.66
N GLN A 238 0.46 29.40 8.83
CA GLN A 238 -0.14 29.44 10.15
C GLN A 238 -0.12 28.05 10.73
N ALA A 239 -0.35 27.04 9.89
CA ALA A 239 -0.41 25.69 10.41
C ALA A 239 0.98 25.19 10.77
N LEU A 240 2.02 25.66 10.07
CA LEU A 240 3.37 25.28 10.48
C LEU A 240 3.76 25.94 11.81
N ARG A 241 3.45 27.23 11.99
CA ARG A 241 3.69 27.84 13.31
C ARG A 241 2.82 27.20 14.38
N ARG A 242 1.60 26.82 14.03
CA ARG A 242 0.73 26.13 14.98
C ARG A 242 1.25 24.74 15.30
N GLY A 243 1.93 24.11 14.34
CA GLY A 243 2.54 22.82 14.62
C GLY A 243 3.73 22.93 15.55
N VAL A 244 4.50 24.01 15.39
CA VAL A 244 5.59 24.28 16.33
C VAL A 244 5.04 24.53 17.72
N LEU A 245 3.93 25.28 17.80
CA LEU A 245 3.32 25.60 19.07
C LEU A 245 2.71 24.36 19.74
N VAL A 246 2.11 23.47 18.95
CA VAL A 246 1.48 22.30 19.59
C VAL A 246 2.55 21.30 20.02
N LEU A 247 3.61 21.20 19.22
CA LEU A 247 4.78 20.38 19.60
C LEU A 247 5.27 20.86 20.97
N ARG A 248 5.61 22.15 21.05
CA ARG A 248 6.16 22.69 22.27
C ARG A 248 5.15 22.64 23.41
N ALA A 249 3.86 22.74 23.11
CA ALA A 249 2.85 22.59 24.15
C ALA A 249 2.79 21.18 24.70
N VAL A 250 2.96 20.17 23.84
CA VAL A 250 3.02 18.79 24.31
C VAL A 250 4.19 18.58 25.26
N VAL A 251 5.39 18.98 24.84
CA VAL A 251 6.57 18.72 25.69
C VAL A 251 6.48 19.50 27.02
N ILE A 252 6.11 20.80 26.95
CA ILE A 252 6.08 21.60 28.17
C ILE A 252 4.97 21.15 29.08
N ALA A 253 3.82 20.74 28.53
CA ALA A 253 2.73 20.30 29.37
C ALA A 253 3.05 18.98 30.03
N PHE A 254 3.75 18.09 29.34
CA PHE A 254 4.10 16.82 29.98
C PHE A 254 5.11 17.01 31.11
N VAL A 255 6.16 17.83 30.89
CA VAL A 255 7.11 18.08 31.97
C VAL A 255 6.43 18.77 33.16
N VAL A 256 5.73 19.90 32.92
CA VAL A 256 5.18 20.71 34.03
C VAL A 256 4.08 19.95 34.75
N CYS A 257 3.38 19.03 34.07
CA CYS A 257 2.30 18.33 34.74
C CYS A 257 2.73 17.03 35.38
N TRP A 258 3.79 16.37 34.91
CA TRP A 258 4.17 15.14 35.56
C TRP A 258 5.52 15.21 36.24
N LEU A 259 6.06 16.41 36.45
CA LEU A 259 7.19 16.57 37.36
C LEU A 259 6.80 16.72 38.84
N PRO A 260 5.83 17.58 39.24
CA PRO A 260 5.59 17.74 40.69
C PRO A 260 5.01 16.51 41.35
N TYR A 261 4.29 15.69 40.61
CA TYR A 261 3.74 14.46 41.18
C TYR A 261 4.85 13.51 41.59
N HIS A 262 5.85 13.34 40.73
CA HIS A 262 6.94 12.46 41.11
C HIS A 262 7.96 13.12 42.02
N VAL A 263 8.07 14.45 42.04
CA VAL A 263 8.85 15.12 43.10
C VAL A 263 8.20 14.87 44.46
N ARG A 264 6.86 14.87 44.50
CA ARG A 264 6.13 14.58 45.72
C ARG A 264 6.40 13.14 46.16
N ARG A 265 6.36 12.22 45.19
CA ARG A 265 6.57 10.82 45.55
C ARG A 265 8.02 10.54 45.93
N LEU A 266 8.95 11.30 45.35
CA LEU A 266 10.37 11.27 45.77
C LEU A 266 10.46 11.75 47.22
N MET A 267 9.74 12.82 47.55
CA MET A 267 9.78 13.41 48.88
C MET A 267 9.26 12.41 49.90
N PHE A 268 8.19 11.69 49.53
CA PHE A 268 7.71 10.56 50.33
C PHE A 268 8.73 9.43 50.36
N CYS A 269 9.52 9.30 49.30
CA CYS A 269 10.46 8.19 49.18
C CYS A 269 11.65 8.34 50.11
N TYR A 270 12.22 9.54 50.22
CA TYR A 270 13.51 9.61 50.88
C TYR A 270 13.41 9.94 52.36
N ILE A 271 12.52 10.85 52.75
CA ILE A 271 12.52 11.32 54.14
C ILE A 271 11.96 10.22 55.03
N SER A 272 12.80 9.69 55.91
CA SER A 272 12.50 8.61 56.85
C SER A 272 11.80 9.02 58.16
N ASP A 273 11.05 10.14 58.20
CA ASP A 273 10.43 10.77 59.38
C ASP A 273 11.34 11.47 60.39
N GLU A 274 12.66 11.27 60.34
CA GLU A 274 13.53 12.12 61.16
C GLU A 274 13.55 13.56 60.70
N GLN A 275 13.23 13.83 59.44
CA GLN A 275 13.20 15.19 58.92
C GLN A 275 11.81 15.80 58.89
N TRP A 276 10.74 15.01 59.00
CA TRP A 276 9.40 15.61 58.95
C TRP A 276 9.07 16.40 60.20
N THR A 277 8.41 17.52 59.98
CA THR A 277 7.94 18.47 60.98
C THR A 277 6.44 18.57 60.81
N THR A 278 5.83 19.57 61.44
CA THR A 278 4.41 19.82 61.20
C THR A 278 4.22 20.66 59.94
N PHE A 279 5.18 21.55 59.65
CA PHE A 279 5.06 22.45 58.52
C PHE A 279 5.22 21.70 57.20
N LEU A 280 6.19 20.78 57.13
CA LEU A 280 6.35 19.97 55.95
C LEU A 280 5.24 18.96 55.79
N PHE A 281 4.66 18.51 56.91
CA PHE A 281 3.45 17.67 56.91
C PHE A 281 2.30 18.37 56.21
N ASP A 282 2.02 19.61 56.64
CA ASP A 282 0.94 20.39 56.03
C ASP A 282 1.26 20.74 54.59
N PHE A 283 2.53 21.08 54.31
CA PHE A 283 2.96 21.38 52.95
C PHE A 283 2.81 20.17 52.04
N TYR A 284 3.09 18.98 52.56
CA TYR A 284 2.91 17.75 51.80
C TYR A 284 1.45 17.52 51.47
N HIS A 285 0.56 17.81 52.41
CA HIS A 285 -0.84 17.54 52.13
C HIS A 285 -1.43 18.54 51.12
N TYR A 286 -1.05 19.81 51.25
CA TYR A 286 -1.47 20.80 50.26
C TYR A 286 -0.81 20.56 48.91
N PHE A 287 0.44 20.10 48.92
CA PHE A 287 1.14 19.81 47.69
C PHE A 287 0.59 18.57 47.02
N TYR A 288 0.08 17.60 47.79
CA TYR A 288 -0.62 16.47 47.22
C TYR A 288 -1.84 16.92 46.46
N MET A 289 -2.62 17.82 47.07
CA MET A 289 -3.77 18.42 46.38
C MET A 289 -3.37 19.10 45.08
N LEU A 290 -2.28 19.90 45.11
CA LEU A 290 -1.83 20.58 43.91
C LEU A 290 -1.32 19.61 42.84
N THR A 291 -0.64 18.54 43.24
CA THR A 291 -0.16 17.58 42.26
C THR A 291 -1.29 16.83 41.59
N ASN A 292 -2.35 16.52 42.34
CA ASN A 292 -3.45 15.85 41.67
C ASN A 292 -4.22 16.83 40.80
N ALA A 293 -4.18 18.11 41.17
CA ALA A 293 -4.67 19.16 40.29
C ALA A 293 -3.90 19.21 38.98
N LEU A 294 -2.56 19.15 39.04
CA LEU A 294 -1.78 19.20 37.80
C LEU A 294 -1.94 17.94 36.94
N VAL A 295 -2.06 16.77 37.55
CA VAL A 295 -2.22 15.58 36.70
C VAL A 295 -3.60 15.60 36.05
N TYR A 296 -4.59 16.17 36.73
CA TYR A 296 -5.87 16.29 36.05
C TYR A 296 -5.87 17.43 35.04
N VAL A 297 -5.01 18.44 35.23
CA VAL A 297 -4.81 19.47 34.22
C VAL A 297 -4.20 18.88 32.95
N SER A 298 -3.26 17.94 33.10
CA SER A 298 -2.72 17.21 31.95
C SER A 298 -3.79 16.41 31.22
N ALA A 299 -4.49 15.57 31.98
CA ALA A 299 -5.48 14.68 31.41
C ALA A 299 -6.68 15.41 30.84
N ALA A 300 -6.88 16.66 31.24
CA ALA A 300 -7.91 17.50 30.65
C ALA A 300 -7.41 18.43 29.57
N ILE A 301 -6.10 18.70 29.49
CA ILE A 301 -5.62 19.67 28.51
C ILE A 301 -5.02 19.00 27.29
N ASN A 302 -4.98 17.66 27.26
CA ASN A 302 -4.75 16.98 25.98
C ASN A 302 -5.79 17.32 24.92
N PRO A 303 -7.13 17.22 25.17
CA PRO A 303 -8.08 17.49 24.06
C PRO A 303 -8.08 18.95 23.66
N ILE A 304 -7.74 19.82 24.61
CA ILE A 304 -7.65 21.26 24.39
C ILE A 304 -6.56 21.58 23.38
N LEU A 305 -5.33 21.11 23.63
CA LEU A 305 -4.24 21.49 22.72
C LEU A 305 -4.16 20.54 21.54
N TYR A 306 -5.08 19.59 21.43
CA TYR A 306 -5.24 18.91 20.15
C TYR A 306 -6.40 19.55 19.38
N ASN A 307 -7.27 20.22 20.12
CA ASN A 307 -8.46 20.87 19.59
C ASN A 307 -8.04 22.14 18.87
N LEU A 308 -7.34 23.02 19.60
CA LEU A 308 -7.25 24.45 19.26
C LEU A 308 -6.26 24.66 18.12
N VAL A 309 -5.43 23.66 17.84
CA VAL A 309 -4.41 23.83 16.81
C VAL A 309 -4.99 23.37 15.47
N SER A 310 -5.84 22.34 15.49
CA SER A 310 -6.46 21.76 14.32
C SER A 310 -7.84 22.42 14.26
N ALA A 311 -7.86 23.68 13.78
CA ALA A 311 -9.10 24.45 13.74
C ALA A 311 -10.11 23.96 12.69
N ASN A 312 -9.74 22.94 11.92
CA ASN A 312 -10.76 22.30 11.10
C ASN A 312 -11.25 21.07 11.81
N PHE A 313 -10.37 20.42 12.58
CA PHE A 313 -10.86 19.27 13.32
C PHE A 313 -11.69 19.85 14.47
N ARG A 314 -11.37 21.11 14.84
CA ARG A 314 -12.02 21.82 15.94
C ARG A 314 -13.44 22.11 15.50
N GLN A 315 -13.55 22.60 14.25
CA GLN A 315 -14.83 22.74 13.57
C GLN A 315 -15.63 21.43 13.57
N VAL A 316 -14.95 20.30 13.35
CA VAL A 316 -15.64 19.00 13.39
C VAL A 316 -16.19 18.72 14.80
N PHE A 317 -15.39 18.99 15.84
CA PHE A 317 -15.84 18.91 17.24
C PHE A 317 -17.08 19.76 17.49
N LEU A 318 -17.01 21.04 17.15
CA LEU A 318 -18.09 21.96 17.51
C LEU A 318 -19.30 21.79 16.62
N SER A 319 -19.13 21.18 15.43
CA SER A 319 -20.27 20.89 14.58
C SER A 319 -20.99 19.64 15.07
N THR A 320 -20.25 18.65 15.57
CA THR A 320 -20.90 17.48 16.15
C THR A 320 -21.55 17.84 17.50
N LEU A 321 -20.97 18.80 18.22
CA LEU A 321 -21.52 19.18 19.52
C LEU A 321 -22.79 20.01 19.37
N ALA A 322 -22.85 20.88 18.37
CA ALA A 322 -23.99 21.77 18.20
C ALA A 322 -25.23 21.03 17.71
N ARG B 5 5.61 11.75 63.21
CA ARG B 5 4.50 12.20 62.37
C ARG B 5 4.80 11.96 60.90
N ARG B 6 4.42 10.78 60.42
CA ARG B 6 4.59 10.42 59.02
C ARG B 6 3.25 10.43 58.31
N PRO B 7 3.10 11.18 57.23
CA PRO B 7 1.88 11.05 56.43
C PRO B 7 1.87 9.73 55.69
N TYR B 8 0.75 9.02 55.78
CA TYR B 8 0.56 7.75 55.10
C TYR B 8 0.15 7.97 53.65
N ILE B 9 -0.04 9.24 53.28
CA ILE B 9 -0.65 9.61 52.01
C ILE B 9 0.30 9.26 50.86
N LEU B 10 -0.20 8.49 49.91
CA LEU B 10 0.51 8.20 48.67
C LEU B 10 -0.47 8.01 47.52
N GLY C 2 12.68 -25.01 16.33
CA GLY C 2 13.97 -25.18 15.72
C GLY C 2 14.26 -26.61 15.31
N CYS C 3 14.19 -26.88 14.01
CA CYS C 3 14.47 -28.22 13.51
C CYS C 3 15.66 -28.24 12.57
N THR C 4 15.77 -27.19 11.72
CA THR C 4 16.84 -26.82 10.78
C THR C 4 16.86 -27.73 9.54
N LEU C 5 16.14 -28.87 9.64
CA LEU C 5 16.06 -29.96 8.66
C LEU C 5 17.39 -30.20 7.94
N SER C 6 18.42 -30.46 8.75
CA SER C 6 19.78 -30.71 8.31
C SER C 6 20.40 -29.58 7.50
N ALA C 7 20.64 -28.42 8.15
CA ALA C 7 21.35 -27.28 7.57
C ALA C 7 20.74 -26.52 6.40
N GLU C 8 19.74 -27.06 5.71
CA GLU C 8 19.20 -26.32 4.57
C GLU C 8 17.98 -25.46 4.93
N ASP C 9 17.18 -25.80 5.94
CA ASP C 9 16.10 -24.87 6.28
C ASP C 9 16.67 -23.60 6.89
N LYS C 10 17.79 -23.70 7.60
CA LYS C 10 18.45 -22.50 8.13
C LYS C 10 19.01 -21.65 7.00
N ALA C 11 19.53 -22.29 5.95
CA ALA C 11 20.06 -21.51 4.84
C ALA C 11 18.93 -20.96 3.98
N ALA C 12 17.78 -21.64 3.96
CA ALA C 12 16.60 -21.07 3.33
C ALA C 12 16.10 -19.85 4.07
N VAL C 13 16.12 -19.89 5.40
CA VAL C 13 15.70 -18.73 6.19
C VAL C 13 16.72 -17.61 6.07
N GLU C 14 17.99 -17.95 5.89
CA GLU C 14 18.99 -16.92 5.63
C GLU C 14 18.83 -16.31 4.23
N ARG C 15 18.42 -17.13 3.27
CA ARG C 15 18.08 -16.61 1.94
C ARG C 15 16.89 -15.68 2.02
N SER C 16 15.86 -16.09 2.76
CA SER C 16 14.66 -15.29 2.97
C SER C 16 14.99 -13.97 3.67
N LYS C 17 15.91 -14.01 4.63
CA LYS C 17 16.26 -12.80 5.36
C LYS C 17 17.13 -11.87 4.51
N MET C 18 17.96 -12.43 3.63
CA MET C 18 18.73 -11.56 2.76
C MET C 18 17.84 -10.97 1.67
N ILE C 19 16.79 -11.70 1.29
CA ILE C 19 15.79 -11.16 0.38
C ILE C 19 14.99 -10.06 1.07
N ASP C 20 14.62 -10.27 2.33
CA ASP C 20 14.01 -9.23 3.15
C ASP C 20 14.89 -7.99 3.25
N ARG C 21 16.20 -8.19 3.36
CA ARG C 21 17.13 -7.07 3.43
C ARG C 21 17.15 -6.30 2.11
N ASN C 22 17.18 -7.02 0.99
CA ASN C 22 17.14 -6.38 -0.32
C ASN C 22 15.80 -5.70 -0.56
N LEU C 23 14.73 -6.26 0.01
CA LEU C 23 13.41 -5.65 -0.08
C LEU C 23 13.37 -4.35 0.70
N ARG C 24 13.86 -4.37 1.93
CA ARG C 24 13.80 -3.15 2.73
C ARG C 24 14.71 -2.06 2.20
N GLU C 25 15.89 -2.41 1.66
CA GLU C 25 16.71 -1.36 1.03
C GLU C 25 16.05 -0.76 -0.22
N ASP C 26 15.49 -1.60 -1.11
CA ASP C 26 14.87 -1.05 -2.30
C ASP C 26 13.55 -0.38 -1.95
N GLY C 27 12.91 -0.84 -0.89
CA GLY C 27 11.68 -0.24 -0.41
C GLY C 27 11.92 1.11 0.23
N GLU C 28 13.05 1.28 0.92
CA GLU C 28 13.40 2.60 1.42
C GLU C 28 13.71 3.54 0.27
N LYS C 29 14.42 3.04 -0.76
CA LYS C 29 14.69 3.85 -1.94
C LYS C 29 13.41 4.27 -2.65
N ALA C 30 12.39 3.41 -2.62
CA ALA C 30 11.11 3.74 -3.25
C ALA C 30 10.23 4.58 -2.34
N ALA C 31 10.31 4.37 -1.02
CA ALA C 31 9.42 5.06 -0.10
C ALA C 31 9.90 6.48 0.14
N ARG C 32 11.17 6.74 -0.16
CA ARG C 32 11.64 8.12 -0.07
C ARG C 32 11.45 8.79 -1.43
N GLU C 33 11.07 7.99 -2.42
CA GLU C 33 11.02 8.47 -3.78
C GLU C 33 9.69 9.16 -4.04
N VAL C 34 9.72 10.20 -4.87
CA VAL C 34 8.59 11.10 -5.04
C VAL C 34 7.99 10.82 -6.40
N LYS C 35 6.71 10.45 -6.43
CA LYS C 35 6.06 10.04 -7.66
C LYS C 35 5.08 11.10 -8.11
N LEU C 36 5.14 11.42 -9.40
CA LEU C 36 4.37 12.51 -10.00
C LEU C 36 3.63 12.02 -11.22
N LEU C 37 2.36 12.34 -11.34
CA LEU C 37 1.59 11.93 -12.50
C LEU C 37 1.50 13.07 -13.51
N LEU C 38 1.62 12.73 -14.78
CA LEU C 38 1.39 13.67 -15.87
C LEU C 38 0.11 13.30 -16.61
N LEU C 39 -0.73 14.30 -16.88
CA LEU C 39 -1.95 14.08 -17.63
C LEU C 39 -2.11 15.15 -18.70
N GLY C 40 -2.98 14.85 -19.66
CA GLY C 40 -3.37 15.77 -20.70
C GLY C 40 -3.48 15.01 -22.01
N ALA C 41 -4.65 15.09 -22.64
CA ALA C 41 -4.92 14.37 -23.91
C ALA C 41 -4.34 15.18 -25.08
N GLY C 42 -4.92 16.35 -25.36
CA GLY C 42 -4.37 17.22 -26.41
C GLY C 42 -2.96 17.62 -26.01
N GLU C 43 -2.03 17.67 -26.96
CA GLU C 43 -0.63 17.95 -26.56
C GLU C 43 -0.66 19.28 -25.84
N SER C 44 -0.15 19.31 -24.60
CA SER C 44 -0.21 20.56 -23.81
C SER C 44 1.12 20.76 -23.09
N GLY C 45 2.20 20.89 -23.84
CA GLY C 45 3.52 21.11 -23.24
C GLY C 45 4.06 19.83 -22.61
N LYS C 46 3.44 18.69 -22.91
CA LYS C 46 3.87 17.42 -22.28
C LYS C 46 5.32 17.24 -22.71
N SER C 47 5.61 17.53 -23.97
CA SER C 47 7.02 17.48 -24.43
C SER C 47 7.79 18.60 -23.72
N THR C 48 7.37 19.85 -23.95
CA THR C 48 8.13 20.97 -23.41
C THR C 48 8.53 20.75 -21.96
N ILE C 49 7.61 20.23 -21.15
CA ILE C 49 7.94 20.03 -19.75
C ILE C 49 8.91 18.88 -19.58
N VAL C 50 8.76 17.77 -20.33
CA VAL C 50 9.74 16.69 -20.17
C VAL C 50 11.14 17.09 -20.64
N LYS C 51 11.24 17.87 -21.74
CA LYS C 51 12.57 18.35 -22.09
C LYS C 51 13.10 19.34 -21.05
N GLN C 52 12.24 20.12 -20.39
CA GLN C 52 12.80 21.00 -19.38
C GLN C 52 13.11 20.28 -18.06
N MET C 53 12.42 19.18 -17.77
CA MET C 53 12.70 18.40 -16.57
C MET C 53 14.00 17.61 -16.69
N LYS C 54 14.11 16.76 -17.71
CA LYS C 54 15.26 15.88 -17.83
C LYS C 54 16.54 16.59 -18.24
N ILE C 55 16.48 17.83 -18.74
CA ILE C 55 17.71 18.55 -19.05
C ILE C 55 18.47 18.92 -17.78
N ILE C 56 17.78 18.96 -16.63
CA ILE C 56 18.42 19.10 -15.33
C ILE C 56 17.87 18.02 -14.40
N GLU C 64 26.85 -2.31 -12.63
CA GLU C 64 26.24 -3.55 -12.12
C GLU C 64 24.85 -3.74 -12.76
N GLU C 65 24.10 -2.65 -12.89
CA GLU C 65 22.79 -2.74 -13.55
C GLU C 65 22.92 -3.18 -15.00
N CYS C 66 23.87 -2.60 -15.71
CA CYS C 66 24.17 -2.98 -17.08
C CYS C 66 24.54 -4.45 -17.21
N LYS C 67 25.30 -4.96 -16.25
CA LYS C 67 25.69 -6.37 -16.31
C LYS C 67 24.45 -7.27 -16.40
N GLN C 68 23.35 -6.86 -15.74
CA GLN C 68 22.14 -7.68 -15.73
C GLN C 68 21.58 -7.88 -17.13
N TYR C 69 22.00 -7.07 -18.08
CA TYR C 69 21.44 -7.11 -19.43
C TYR C 69 22.32 -7.92 -20.40
N LYS C 70 23.43 -8.45 -19.89
CA LYS C 70 24.36 -9.17 -20.75
C LYS C 70 23.64 -10.24 -21.60
N ALA C 71 22.86 -11.10 -20.97
CA ALA C 71 22.32 -12.27 -21.70
C ALA C 71 21.15 -11.83 -22.57
N VAL C 72 20.59 -10.67 -22.27
CA VAL C 72 19.59 -10.05 -23.17
C VAL C 72 20.25 -9.58 -24.44
N VAL C 73 21.36 -8.87 -24.31
CA VAL C 73 22.16 -8.50 -25.48
C VAL C 73 22.49 -9.77 -26.31
N TYR C 74 23.00 -10.82 -25.66
CA TYR C 74 23.29 -12.04 -26.37
C TYR C 74 22.04 -12.61 -27.06
N SER C 75 20.95 -12.68 -26.32
CA SER C 75 19.72 -13.18 -26.88
C SER C 75 19.32 -12.38 -28.13
N ASN C 76 19.33 -11.06 -28.02
CA ASN C 76 18.89 -10.24 -29.14
C ASN C 76 19.82 -10.49 -30.36
N THR C 77 21.11 -10.71 -30.10
CA THR C 77 22.09 -10.85 -31.18
C THR C 77 21.83 -12.20 -31.90
N ILE C 78 21.65 -13.24 -31.11
CA ILE C 78 21.34 -14.57 -31.64
C ILE C 78 20.03 -14.52 -32.46
N GLN C 79 19.02 -13.82 -31.93
CA GLN C 79 17.73 -13.73 -32.60
C GLN C 79 17.93 -13.03 -33.94
N SER C 80 18.71 -11.96 -33.94
CA SER C 80 18.88 -11.16 -35.15
C SER C 80 19.48 -12.00 -36.27
N ILE C 81 20.58 -12.69 -35.98
CA ILE C 81 21.28 -13.42 -37.04
C ILE C 81 20.45 -14.61 -37.48
N ILE C 82 19.82 -15.30 -36.55
CA ILE C 82 18.90 -16.38 -36.95
C ILE C 82 17.78 -15.85 -37.88
N ALA C 83 17.23 -14.69 -37.56
CA ALA C 83 16.17 -14.15 -38.40
C ALA C 83 16.70 -14.00 -39.85
N ILE C 84 17.93 -13.50 -39.99
CA ILE C 84 18.47 -13.25 -41.31
C ILE C 84 18.69 -14.56 -42.03
N ILE C 85 19.33 -15.51 -41.35
CA ILE C 85 19.66 -16.79 -41.96
C ILE C 85 18.39 -17.53 -42.41
N ARG C 86 17.40 -17.58 -41.53
CA ARG C 86 16.15 -18.21 -41.88
C ARG C 86 15.50 -17.54 -43.08
N ALA C 87 15.52 -16.21 -43.10
CA ALA C 87 14.92 -15.48 -44.22
C ALA C 87 15.59 -15.84 -45.54
N MET C 88 16.88 -16.17 -45.51
CA MET C 88 17.59 -16.56 -46.73
C MET C 88 16.93 -17.77 -47.38
N GLY C 89 16.54 -18.75 -46.57
CA GLY C 89 15.85 -19.91 -47.13
C GLY C 89 14.53 -19.50 -47.73
N ARG C 90 13.80 -18.61 -47.07
CA ARG C 90 12.48 -18.27 -47.55
C ARG C 90 12.57 -17.43 -48.83
N LEU C 91 13.52 -16.50 -48.87
CA LEU C 91 13.65 -15.59 -50.03
C LEU C 91 14.54 -16.19 -51.11
N LYS C 92 15.07 -17.39 -50.85
CA LYS C 92 15.91 -18.08 -51.82
C LYS C 92 17.12 -17.23 -52.13
N ILE C 93 17.86 -16.84 -51.10
CA ILE C 93 19.11 -16.13 -51.27
C ILE C 93 20.22 -17.09 -50.88
N ASP C 94 21.19 -17.30 -51.77
CA ASP C 94 22.28 -18.21 -51.47
C ASP C 94 23.35 -17.48 -50.70
N PHE C 95 24.13 -18.23 -49.93
CA PHE C 95 25.33 -17.72 -49.28
C PHE C 95 26.32 -17.24 -50.34
N GLY C 96 27.13 -16.24 -49.99
CA GLY C 96 28.20 -15.77 -50.85
C GLY C 96 29.25 -16.85 -51.01
N ASP C 97 29.61 -17.47 -49.90
N ASP C 97 29.66 -17.45 -49.89
CA ASP C 97 30.57 -18.59 -49.90
CA ASP C 97 30.59 -18.57 -49.92
C ASP C 97 29.86 -19.81 -49.36
C ASP C 97 29.85 -19.79 -49.37
N SER C 98 29.73 -20.83 -50.20
CA SER C 98 29.01 -22.05 -49.83
C SER C 98 29.44 -22.57 -48.48
N ALA C 99 30.68 -22.30 -48.08
CA ALA C 99 31.17 -22.73 -46.77
C ALA C 99 30.36 -22.17 -45.60
N ARG C 100 29.61 -21.10 -45.82
CA ARG C 100 28.86 -20.52 -44.71
C ARG C 100 27.70 -21.43 -44.34
N ALA C 101 27.36 -22.35 -45.21
CA ALA C 101 26.27 -23.28 -44.93
C ALA C 101 26.59 -24.06 -43.67
N ASP C 102 27.85 -24.45 -43.48
CA ASP C 102 28.24 -25.23 -42.32
C ASP C 102 28.08 -24.36 -41.06
N ASP C 103 28.45 -23.09 -41.19
CA ASP C 103 28.33 -22.14 -40.10
C ASP C 103 26.85 -21.89 -39.77
N ALA C 104 26.02 -21.76 -40.78
CA ALA C 104 24.59 -21.61 -40.53
C ALA C 104 24.09 -22.80 -39.71
N ARG C 105 24.45 -24.02 -40.14
N ARG C 105 24.47 -24.02 -40.13
CA ARG C 105 24.05 -25.21 -39.39
CA ARG C 105 24.09 -25.24 -39.41
C ARG C 105 24.55 -25.11 -37.94
C ARG C 105 24.59 -25.24 -37.97
N GLN C 106 25.82 -24.76 -37.77
CA GLN C 106 26.40 -24.67 -36.44
C GLN C 106 25.68 -23.64 -35.55
N LEU C 107 25.26 -22.53 -36.14
CA LEU C 107 24.43 -21.55 -35.40
C LEU C 107 23.23 -22.23 -34.73
N PHE C 108 22.51 -23.03 -35.49
CA PHE C 108 21.31 -23.67 -35.00
C PHE C 108 21.64 -24.75 -33.98
N VAL C 109 22.79 -25.39 -34.14
CA VAL C 109 23.22 -26.42 -33.21
C VAL C 109 23.50 -25.76 -31.85
N LEU C 110 24.30 -24.70 -31.87
CA LEU C 110 24.66 -23.99 -30.63
C LEU C 110 23.46 -23.28 -29.96
N ALA C 111 22.66 -22.54 -30.70
CA ALA C 111 21.44 -21.94 -30.11
C ALA C 111 20.50 -23.02 -29.65
N GLY C 112 20.52 -24.17 -30.34
CA GLY C 112 19.56 -25.21 -30.10
C GLY C 112 19.80 -25.95 -28.80
N ALA C 113 21.04 -25.98 -28.35
CA ALA C 113 21.40 -26.79 -27.18
C ALA C 113 21.48 -25.93 -25.91
N ALA C 114 21.44 -24.62 -26.06
CA ALA C 114 21.59 -23.73 -24.92
C ALA C 114 20.27 -23.35 -24.24
N GLU C 115 20.39 -22.92 -23.00
CA GLU C 115 19.28 -22.63 -22.12
C GLU C 115 18.73 -21.22 -22.31
N GLU C 116 19.62 -20.29 -22.60
CA GLU C 116 19.30 -18.88 -22.74
C GLU C 116 20.42 -18.19 -23.53
N GLY C 117 20.28 -16.91 -23.83
CA GLY C 117 21.32 -16.22 -24.57
C GLY C 117 22.70 -16.37 -23.91
N PHE C 118 23.73 -16.52 -24.73
CA PHE C 118 25.07 -16.80 -24.24
C PHE C 118 26.03 -16.40 -25.36
N MET C 119 27.32 -16.44 -25.10
CA MET C 119 28.29 -16.11 -26.13
C MET C 119 29.56 -16.85 -25.78
N THR C 120 30.14 -17.50 -26.77
CA THR C 120 31.42 -18.15 -26.62
C THR C 120 32.23 -17.73 -27.82
N ALA C 121 33.51 -18.04 -27.81
CA ALA C 121 34.37 -17.76 -28.95
C ALA C 121 33.85 -18.49 -30.19
N GLU C 122 33.45 -19.75 -30.00
CA GLU C 122 32.99 -20.54 -31.13
C GLU C 122 31.76 -19.88 -31.77
N LEU C 123 30.76 -19.59 -30.97
CA LEU C 123 29.57 -18.90 -31.45
C LEU C 123 29.89 -17.55 -32.08
N ALA C 124 30.75 -16.76 -31.43
CA ALA C 124 31.14 -15.48 -32.00
C ALA C 124 31.75 -15.65 -33.41
N GLY C 125 32.62 -16.64 -33.57
CA GLY C 125 33.19 -16.90 -34.87
C GLY C 125 32.14 -17.26 -35.93
N VAL C 126 31.21 -18.13 -35.56
CA VAL C 126 30.15 -18.53 -36.49
C VAL C 126 29.33 -17.31 -36.91
N ILE C 127 28.91 -16.48 -35.96
CA ILE C 127 28.07 -15.32 -36.27
C ILE C 127 28.86 -14.27 -37.08
N LYS C 128 30.12 -14.02 -36.69
CA LYS C 128 30.97 -13.07 -37.41
C LYS C 128 31.09 -13.42 -38.89
N ARG C 129 31.40 -14.68 -39.15
CA ARG C 129 31.60 -15.11 -40.53
C ARG C 129 30.28 -15.02 -41.31
N LEU C 130 29.17 -15.40 -40.69
CA LEU C 130 27.87 -15.28 -41.33
C LEU C 130 27.59 -13.80 -41.68
N TRP C 131 27.80 -12.91 -40.72
CA TRP C 131 27.46 -11.49 -40.90
C TRP C 131 28.30 -10.80 -41.98
N LYS C 132 29.54 -11.27 -42.21
CA LYS C 132 30.41 -10.68 -43.24
C LYS C 132 30.14 -11.27 -44.63
N ASP C 133 29.32 -12.31 -44.69
CA ASP C 133 29.08 -12.94 -45.97
C ASP C 133 28.12 -12.14 -46.86
N SER C 134 28.40 -12.13 -48.15
CA SER C 134 27.70 -11.23 -49.07
C SER C 134 26.24 -11.62 -49.30
N GLY C 135 25.94 -12.90 -49.23
CA GLY C 135 24.57 -13.33 -49.31
C GLY C 135 23.83 -12.89 -48.05
N VAL C 136 24.45 -13.09 -46.88
CA VAL C 136 23.82 -12.73 -45.62
C VAL C 136 23.53 -11.23 -45.64
N GLN C 137 24.48 -10.44 -46.13
CA GLN C 137 24.28 -9.00 -46.25
C GLN C 137 23.17 -8.63 -47.22
N ALA C 138 23.04 -9.38 -48.30
CA ALA C 138 21.99 -9.09 -49.26
C ALA C 138 20.64 -9.37 -48.61
N CYS C 139 20.55 -10.46 -47.85
CA CYS C 139 19.28 -10.72 -47.14
C CYS C 139 19.03 -9.65 -46.10
N PHE C 140 20.07 -9.29 -45.37
CA PHE C 140 19.96 -8.23 -44.36
C PHE C 140 19.35 -6.99 -45.01
N ASN C 141 19.79 -6.63 -46.20
CA ASN C 141 19.34 -5.40 -46.83
C ASN C 141 17.90 -5.51 -47.34
N ARG C 142 17.33 -6.73 -47.28
CA ARG C 142 15.92 -6.92 -47.64
C ARG C 142 15.05 -7.16 -46.39
N SER C 143 15.58 -6.79 -45.23
CA SER C 143 14.88 -7.03 -43.97
C SER C 143 13.42 -6.55 -43.94
N ARG C 144 13.03 -5.60 -44.77
CA ARG C 144 11.64 -5.15 -44.75
C ARG C 144 10.72 -6.29 -45.14
N GLU C 145 11.29 -7.32 -45.76
CA GLU C 145 10.52 -8.46 -46.22
C GLU C 145 10.30 -9.52 -45.16
N TYR C 146 10.87 -9.34 -43.97
CA TYR C 146 10.62 -10.27 -42.88
C TYR C 146 10.61 -9.50 -41.55
N GLN C 147 10.77 -10.18 -40.42
CA GLN C 147 10.75 -9.48 -39.15
C GLN C 147 12.14 -9.52 -38.53
N LEU C 148 12.76 -8.36 -38.35
CA LEU C 148 14.13 -8.31 -37.86
C LEU C 148 14.30 -7.23 -36.81
N ASN C 149 14.98 -7.55 -35.70
CA ASN C 149 15.26 -6.57 -34.64
C ASN C 149 15.84 -5.31 -35.24
N ASP C 150 15.32 -4.16 -34.81
CA ASP C 150 15.91 -2.86 -35.17
C ASP C 150 17.41 -2.79 -34.86
N SER C 151 17.81 -3.43 -33.76
CA SER C 151 19.19 -3.32 -33.32
C SER C 151 20.08 -4.41 -33.90
N ALA C 152 19.63 -5.15 -34.91
CA ALA C 152 20.40 -6.23 -35.47
C ALA C 152 21.80 -5.76 -35.87
N ALA C 153 21.87 -4.72 -36.69
CA ALA C 153 23.14 -4.24 -37.18
C ALA C 153 24.02 -3.69 -36.05
N TYR C 154 23.39 -2.99 -35.12
CA TYR C 154 24.13 -2.40 -34.01
C TYR C 154 24.92 -3.46 -33.26
N TYR C 155 24.29 -4.57 -32.90
CA TYR C 155 24.98 -5.60 -32.15
C TYR C 155 25.92 -6.40 -33.07
N LEU C 156 25.45 -6.75 -34.25
CA LEU C 156 26.25 -7.62 -35.10
C LEU C 156 27.53 -6.91 -35.52
N ASN C 157 27.47 -5.60 -35.82
CA ASN C 157 28.69 -4.84 -36.14
C ASN C 157 29.68 -4.69 -34.98
N ASP C 158 29.21 -4.82 -33.74
N ASP C 158 29.23 -4.82 -33.75
CA ASP C 158 30.05 -4.66 -32.56
CA ASP C 158 30.12 -4.63 -32.60
C ASP C 158 30.32 -5.99 -31.90
C ASP C 158 30.31 -5.99 -31.91
N LEU C 159 30.15 -7.06 -32.67
CA LEU C 159 30.22 -8.40 -32.11
C LEU C 159 31.50 -8.66 -31.37
N ASP C 160 32.61 -8.16 -31.90
N ASP C 160 32.61 -8.15 -31.89
CA ASP C 160 33.93 -8.41 -31.33
CA ASP C 160 33.92 -8.45 -31.32
C ASP C 160 33.98 -7.96 -29.88
C ASP C 160 33.99 -7.97 -29.88
N ARG C 161 33.49 -6.77 -29.62
CA ARG C 161 33.46 -6.21 -28.26
C ARG C 161 32.52 -7.01 -27.35
N ILE C 162 31.34 -7.31 -27.87
CA ILE C 162 30.32 -8.03 -27.12
C ILE C 162 30.76 -9.45 -26.79
N ALA C 163 31.57 -10.04 -27.66
CA ALA C 163 32.02 -11.41 -27.45
C ALA C 163 33.21 -11.55 -26.52
N GLN C 164 33.83 -10.44 -26.11
CA GLN C 164 35.00 -10.54 -25.21
C GLN C 164 34.59 -11.16 -23.88
N PRO C 165 35.46 -12.00 -23.32
CA PRO C 165 35.07 -12.70 -22.10
C PRO C 165 34.65 -11.82 -20.95
N ASN C 166 35.25 -10.66 -20.79
CA ASN C 166 34.86 -9.77 -19.69
C ASN C 166 33.89 -8.66 -20.11
N TYR C 167 33.28 -8.81 -21.29
CA TYR C 167 32.28 -7.88 -21.77
C TYR C 167 31.36 -7.36 -20.67
N ILE C 168 31.25 -6.04 -20.58
CA ILE C 168 30.22 -5.40 -19.78
C ILE C 168 29.40 -4.48 -20.69
N PRO C 169 28.07 -4.66 -20.74
CA PRO C 169 27.23 -3.81 -21.59
C PRO C 169 27.35 -2.32 -21.23
N THR C 170 27.45 -1.47 -22.24
CA THR C 170 27.37 -0.05 -22.07
C THR C 170 25.92 0.41 -21.98
N GLN C 171 25.72 1.66 -21.56
CA GLN C 171 24.39 2.23 -21.61
C GLN C 171 23.69 2.11 -22.96
N GLN C 172 24.43 2.41 -24.03
CA GLN C 172 23.88 2.28 -25.38
C GLN C 172 23.50 0.81 -25.64
N ASP C 173 24.34 -0.14 -25.23
CA ASP C 173 24.00 -1.55 -25.37
C ASP C 173 22.66 -1.83 -24.73
N VAL C 174 22.47 -1.29 -23.52
CA VAL C 174 21.22 -1.49 -22.77
C VAL C 174 20.03 -0.80 -23.47
N LEU C 175 20.24 0.44 -23.88
CA LEU C 175 19.21 1.17 -24.63
C LEU C 175 18.81 0.47 -25.93
N ARG C 176 19.75 -0.28 -26.54
CA ARG C 176 19.47 -0.97 -27.79
C ARG C 176 18.72 -2.28 -27.58
N THR C 177 18.58 -2.74 -26.33
CA THR C 177 17.95 -4.03 -26.14
C THR C 177 16.47 -3.94 -26.48
N THR C 182 5.35 1.28 -26.01
CA THR C 182 5.27 2.70 -26.32
C THR C 182 4.35 3.38 -25.32
N GLY C 183 4.24 2.78 -24.14
CA GLY C 183 3.38 3.29 -23.10
C GLY C 183 3.86 4.41 -22.22
N ILE C 184 3.84 4.13 -20.92
CA ILE C 184 4.31 5.06 -19.91
C ILE C 184 5.82 5.26 -20.03
N VAL C 185 6.26 6.46 -19.70
CA VAL C 185 7.63 6.92 -19.88
C VAL C 185 8.03 7.49 -18.54
N GLU C 186 8.98 6.86 -17.88
CA GLU C 186 9.44 7.33 -16.59
C GLU C 186 10.74 8.10 -16.78
N THR C 187 10.80 9.29 -16.17
CA THR C 187 12.02 10.07 -16.06
C THR C 187 12.40 10.27 -14.60
N HIS C 188 13.53 9.72 -14.19
CA HIS C 188 13.89 9.69 -12.77
C HIS C 188 14.98 10.73 -12.55
N PHE C 189 14.57 11.99 -12.65
CA PHE C 189 15.46 13.11 -12.44
C PHE C 189 15.44 13.59 -11.00
N THR C 190 16.51 14.29 -10.63
CA THR C 190 16.69 14.83 -9.30
C THR C 190 16.71 16.35 -9.39
N PHE C 191 16.36 17.01 -8.28
CA PHE C 191 16.41 18.46 -8.20
C PHE C 191 16.40 18.88 -6.75
N LYS C 192 17.29 19.80 -6.38
CA LYS C 192 17.45 20.29 -5.01
C LYS C 192 17.64 19.14 -4.03
N ASP C 193 18.53 18.22 -4.43
CA ASP C 193 18.98 17.03 -3.69
C ASP C 193 17.83 16.09 -3.33
N LEU C 194 16.85 15.99 -4.22
CA LEU C 194 15.67 15.18 -3.95
C LEU C 194 15.21 14.61 -5.29
N HIS C 195 14.88 13.31 -5.29
CA HIS C 195 14.63 12.60 -6.53
C HIS C 195 13.15 12.67 -6.92
N PHE C 196 12.92 12.78 -8.23
CA PHE C 196 11.59 12.89 -8.83
C PHE C 196 11.25 11.86 -9.91
N LYS C 197 10.09 11.22 -9.83
CA LYS C 197 9.72 10.25 -10.87
C LYS C 197 8.53 10.86 -11.58
N MET C 198 8.63 10.99 -12.90
CA MET C 198 7.59 11.62 -13.71
C MET C 198 7.05 10.59 -14.69
N PHE C 199 5.75 10.36 -14.62
CA PHE C 199 5.06 9.27 -15.32
C PHE C 199 4.28 9.87 -16.49
N ASP C 200 4.89 9.87 -17.67
CA ASP C 200 4.19 10.40 -18.85
C ASP C 200 3.14 9.40 -19.29
N VAL C 201 1.95 9.50 -18.69
CA VAL C 201 0.97 8.44 -18.87
C VAL C 201 0.16 8.62 -20.15
N GLY C 202 0.25 9.77 -20.79
CA GLY C 202 -0.58 10.04 -21.95
C GLY C 202 -0.19 9.31 -23.22
N GLY C 203 0.86 8.47 -23.17
CA GLY C 203 1.24 7.73 -24.36
C GLY C 203 0.24 6.64 -24.71
N GLN C 204 -0.17 5.87 -23.71
CA GLN C 204 -1.07 4.77 -23.95
C GLN C 204 -2.50 5.25 -23.75
N ARG C 205 -3.40 4.73 -24.57
CA ARG C 205 -4.78 5.21 -24.63
C ARG C 205 -5.69 4.03 -24.36
N SER C 206 -6.42 4.09 -23.25
CA SER C 206 -7.42 3.08 -22.93
C SER C 206 -8.42 3.71 -21.97
N GLU C 207 -9.21 2.88 -21.30
CA GLU C 207 -10.17 3.42 -20.34
C GLU C 207 -9.40 3.76 -19.09
N ARG C 208 -9.47 5.03 -18.70
CA ARG C 208 -8.84 5.49 -17.49
C ARG C 208 -9.51 4.99 -16.22
N LYS C 209 -10.73 4.48 -16.30
CA LYS C 209 -11.41 4.01 -15.09
C LYS C 209 -10.85 2.70 -14.55
N LYS C 210 -9.98 2.01 -15.29
CA LYS C 210 -9.55 0.67 -14.95
C LYS C 210 -8.08 0.57 -14.61
N TRP C 211 -7.33 1.66 -14.69
CA TRP C 211 -5.96 1.63 -14.22
C TRP C 211 -5.52 2.85 -13.46
N ILE C 212 -6.41 3.79 -13.16
CA ILE C 212 -5.95 4.96 -12.43
C ILE C 212 -5.77 4.63 -10.96
N HIS C 213 -6.35 3.54 -10.47
CA HIS C 213 -6.14 3.14 -9.09
C HIS C 213 -4.77 2.54 -8.85
N CYS C 214 -3.96 2.34 -9.88
CA CYS C 214 -2.56 2.00 -9.67
C CYS C 214 -1.80 3.20 -9.12
N PHE C 215 -2.38 4.38 -9.25
CA PHE C 215 -1.71 5.66 -9.03
C PHE C 215 -2.25 6.35 -7.78
N GLU C 216 -2.85 5.60 -6.89
CA GLU C 216 -3.09 6.15 -5.58
C GLU C 216 -1.79 6.08 -4.80
N GLY C 217 -1.51 7.11 -4.01
CA GLY C 217 -0.18 7.23 -3.45
C GLY C 217 0.81 8.05 -4.25
N VAL C 218 0.46 8.49 -5.47
CA VAL C 218 1.24 9.54 -6.11
C VAL C 218 1.18 10.82 -5.30
N THR C 219 2.34 11.44 -5.11
CA THR C 219 2.42 12.64 -4.28
C THR C 219 1.66 13.79 -4.92
N ALA C 220 1.94 14.09 -6.19
CA ALA C 220 1.31 15.23 -6.84
C ALA C 220 1.07 14.99 -8.32
N ILE C 221 -0.14 15.23 -8.78
CA ILE C 221 -0.47 15.14 -10.19
C ILE C 221 -0.11 16.45 -10.88
N ILE C 222 0.60 16.37 -12.00
CA ILE C 222 0.99 17.58 -12.71
C ILE C 222 0.16 17.67 -13.98
N PHE C 223 -0.97 18.37 -13.89
CA PHE C 223 -1.91 18.47 -15.00
C PHE C 223 -1.51 19.66 -15.88
N CYS C 224 -1.60 19.44 -17.19
CA CYS C 224 -1.11 20.41 -18.17
C CYS C 224 -2.18 20.73 -19.21
N VAL C 225 -2.42 22.02 -19.40
CA VAL C 225 -3.38 22.53 -20.37
C VAL C 225 -2.65 23.54 -21.26
N ALA C 226 -2.91 23.49 -22.56
CA ALA C 226 -2.49 24.57 -23.43
C ALA C 226 -3.54 25.65 -23.41
N LEU C 227 -3.10 26.90 -23.28
CA LEU C 227 -4.01 28.02 -23.32
C LEU C 227 -4.58 28.24 -24.71
N SER C 228 -3.78 28.00 -25.74
CA SER C 228 -4.15 28.34 -27.11
C SER C 228 -5.17 27.40 -27.73
N ASP C 229 -5.58 26.32 -27.05
CA ASP C 229 -6.56 25.39 -27.58
C ASP C 229 -7.99 25.76 -27.17
N TYR C 230 -8.24 27.04 -26.99
CA TYR C 230 -9.56 27.54 -26.61
C TYR C 230 -10.54 27.58 -27.78
N ASP C 231 -10.03 27.73 -29.01
CA ASP C 231 -10.89 27.88 -30.16
C ASP C 231 -10.92 26.69 -31.11
N LEU C 232 -10.08 25.67 -30.93
CA LEU C 232 -10.15 24.60 -31.91
C LEU C 232 -11.28 23.63 -31.57
N VAL C 233 -11.73 22.93 -32.60
CA VAL C 233 -12.88 22.03 -32.52
C VAL C 233 -12.43 20.63 -32.93
N LEU C 234 -13.01 19.63 -32.28
CA LEU C 234 -12.87 18.25 -32.71
C LEU C 234 -13.50 18.06 -34.08
N MET C 240 -17.70 21.03 -30.82
CA MET C 240 -17.15 20.64 -29.53
C MET C 240 -15.79 21.27 -29.30
N ASN C 241 -15.70 22.15 -28.31
CA ASN C 241 -14.45 22.82 -28.02
C ASN C 241 -13.46 21.86 -27.36
N ARG C 242 -12.21 21.97 -27.79
CA ARG C 242 -11.14 21.17 -27.21
C ARG C 242 -10.83 21.63 -25.79
N MET C 243 -11.06 22.92 -25.51
CA MET C 243 -10.86 23.45 -24.17
C MET C 243 -11.92 22.91 -23.23
N HIS C 244 -13.14 22.73 -23.72
CA HIS C 244 -14.18 22.15 -22.90
C HIS C 244 -13.89 20.69 -22.63
N GLU C 245 -13.22 20.02 -23.57
CA GLU C 245 -12.79 18.66 -23.34
C GLU C 245 -11.69 18.61 -22.29
N SER C 246 -10.76 19.56 -22.33
CA SER C 246 -9.75 19.58 -21.27
C SER C 246 -10.33 19.94 -19.90
N MET C 247 -11.34 20.81 -19.84
CA MET C 247 -11.98 21.05 -18.55
C MET C 247 -12.73 19.83 -18.04
N LYS C 248 -13.40 19.09 -18.94
CA LYS C 248 -14.08 17.87 -18.48
C LYS C 248 -13.07 16.81 -18.05
N LEU C 249 -11.92 16.74 -18.72
CA LEU C 249 -10.89 15.80 -18.31
C LEU C 249 -10.34 16.17 -16.93
N PHE C 250 -10.06 17.47 -16.73
CA PHE C 250 -9.62 17.96 -15.44
C PHE C 250 -10.66 17.72 -14.36
N ASP C 251 -11.94 17.88 -14.70
CA ASP C 251 -13.03 17.61 -13.77
C ASP C 251 -13.04 16.15 -13.38
N SER C 252 -12.92 15.26 -14.36
CA SER C 252 -12.98 13.82 -14.13
C SER C 252 -11.79 13.36 -13.30
N ILE C 253 -10.68 14.08 -13.35
CA ILE C 253 -9.52 13.68 -12.55
C ILE C 253 -9.54 14.33 -11.16
N CYS C 254 -9.96 15.59 -11.07
CA CYS C 254 -9.90 16.27 -9.78
C CYS C 254 -10.94 15.78 -8.81
N ASN C 255 -12.13 15.41 -9.31
CA ASN C 255 -13.19 14.94 -8.44
C ASN C 255 -13.25 13.43 -8.35
N ASN C 256 -12.15 12.74 -8.66
CA ASN C 256 -12.15 11.29 -8.71
C ASN C 256 -12.13 10.74 -7.28
N LYS C 257 -12.62 9.52 -7.10
CA LYS C 257 -12.76 8.95 -5.76
C LYS C 257 -11.43 8.50 -5.16
N TRP C 258 -10.37 8.40 -5.95
CA TRP C 258 -9.05 7.96 -5.50
C TRP C 258 -8.12 9.12 -5.19
N PHE C 259 -8.24 10.20 -5.96
CA PHE C 259 -7.42 11.39 -5.83
C PHE C 259 -8.00 12.41 -4.87
N THR C 260 -8.72 11.95 -3.84
CA THR C 260 -9.36 12.86 -2.90
C THR C 260 -8.33 13.70 -2.15
N ASP C 261 -7.21 13.09 -1.77
CA ASP C 261 -6.22 13.83 -1.00
C ASP C 261 -5.12 14.40 -1.89
N THR C 262 -4.90 13.81 -3.07
CA THR C 262 -3.73 14.16 -3.88
C THR C 262 -3.98 15.45 -4.63
N SER C 263 -3.12 16.43 -4.40
CA SER C 263 -3.26 17.75 -5.01
C SER C 263 -2.75 17.74 -6.44
N ILE C 264 -3.06 18.82 -7.16
CA ILE C 264 -2.85 18.91 -8.59
C ILE C 264 -1.99 20.13 -8.86
N ILE C 265 -0.91 19.93 -9.62
CA ILE C 265 -0.05 21.00 -10.07
C ILE C 265 -0.50 21.34 -11.48
N LEU C 266 -1.28 22.40 -11.61
CA LEU C 266 -1.84 22.75 -12.89
C LEU C 266 -0.86 23.62 -13.66
N PHE C 267 -0.67 23.29 -14.92
CA PHE C 267 0.16 24.07 -15.81
C PHE C 267 -0.73 24.67 -16.89
N LEU C 268 -0.33 25.84 -17.37
CA LEU C 268 -0.99 26.47 -18.49
C LEU C 268 0.10 26.78 -19.50
N ASN C 269 0.02 26.12 -20.64
CA ASN C 269 1.13 26.11 -21.57
C ASN C 269 0.85 26.97 -22.78
N LYS C 270 1.94 27.34 -23.45
CA LYS C 270 1.96 28.12 -24.68
C LYS C 270 1.22 29.44 -24.47
N LYS C 271 1.78 30.26 -23.58
CA LYS C 271 1.10 31.50 -23.20
C LYS C 271 1.36 32.62 -24.19
N ASP C 272 2.49 32.60 -24.89
CA ASP C 272 2.79 33.67 -25.83
C ASP C 272 1.98 33.54 -27.12
N LEU C 273 1.89 32.29 -27.61
CA LEU C 273 0.96 31.95 -28.70
C LEU C 273 -0.42 32.47 -28.27
N PHE C 274 -0.84 32.08 -27.07
CA PHE C 274 -2.14 32.47 -26.54
C PHE C 274 -2.30 33.98 -26.52
N GLU C 275 -1.22 34.71 -26.21
CA GLU C 275 -1.25 36.16 -26.23
C GLU C 275 -1.52 36.68 -27.62
N GLU C 276 -0.86 36.09 -28.62
CA GLU C 276 -1.10 36.44 -30.01
C GLU C 276 -2.55 36.16 -30.39
N LYS C 277 -3.03 34.96 -30.02
CA LYS C 277 -4.36 34.50 -30.39
C LYS C 277 -5.45 35.26 -29.67
N ILE C 278 -5.15 35.86 -28.51
CA ILE C 278 -6.13 36.71 -27.85
C ILE C 278 -6.00 38.16 -28.29
N LYS C 279 -4.85 38.58 -28.82
CA LYS C 279 -4.79 39.90 -29.43
C LYS C 279 -5.47 39.92 -30.78
N LYS C 280 -5.63 38.77 -31.42
CA LYS C 280 -6.40 38.74 -32.65
C LYS C 280 -7.84 38.30 -32.45
N SER C 281 -8.04 37.17 -31.76
CA SER C 281 -9.39 36.63 -31.70
C SER C 281 -9.95 36.78 -30.29
N PRO C 282 -11.28 36.92 -30.14
CA PRO C 282 -11.84 37.17 -28.81
C PRO C 282 -11.93 35.90 -27.97
N LEU C 283 -12.55 36.00 -26.81
CA LEU C 283 -12.59 34.93 -25.83
C LEU C 283 -14.03 34.55 -25.51
N THR C 284 -15.00 35.28 -26.07
CA THR C 284 -16.39 34.90 -25.85
C THR C 284 -16.74 33.68 -26.69
N ILE C 285 -15.93 33.39 -27.70
CA ILE C 285 -16.24 32.29 -28.60
C ILE C 285 -15.97 30.98 -27.87
N CYS C 286 -15.01 30.98 -26.95
CA CYS C 286 -14.71 29.82 -26.13
C CYS C 286 -15.70 29.70 -24.99
N TYR C 287 -15.78 30.74 -24.16
CA TYR C 287 -16.72 30.77 -23.03
C TYR C 287 -17.74 31.88 -23.23
N PRO C 288 -19.03 31.53 -23.26
CA PRO C 288 -20.03 32.52 -23.65
C PRO C 288 -20.27 33.57 -22.58
N GLU C 289 -20.30 33.17 -21.31
CA GLU C 289 -20.80 34.03 -20.25
C GLU C 289 -19.74 34.95 -19.67
N TYR C 290 -18.70 35.26 -20.43
CA TYR C 290 -17.63 36.09 -19.93
C TYR C 290 -17.66 37.39 -20.74
N ALA C 291 -17.55 38.52 -20.06
CA ALA C 291 -17.39 39.80 -20.74
C ALA C 291 -16.27 40.64 -20.14
N GLY C 292 -15.11 40.04 -19.86
CA GLY C 292 -14.04 40.85 -19.33
C GLY C 292 -13.22 41.49 -20.43
N SER C 293 -12.08 42.03 -20.00
CA SER C 293 -11.18 42.76 -20.89
C SER C 293 -10.44 41.79 -21.80
N ASN C 294 -10.07 42.26 -22.98
CA ASN C 294 -9.21 41.49 -23.87
C ASN C 294 -7.74 41.88 -23.64
N THR C 295 -7.38 41.75 -22.37
CA THR C 295 -6.06 41.94 -21.81
C THR C 295 -5.48 40.59 -21.39
N TYR C 296 -4.16 40.55 -21.24
CA TYR C 296 -3.48 39.32 -20.90
C TYR C 296 -3.82 38.84 -19.50
N GLU C 297 -3.70 39.73 -18.51
CA GLU C 297 -3.78 39.32 -17.12
C GLU C 297 -5.20 38.92 -16.74
N GLU C 298 -6.19 39.60 -17.30
CA GLU C 298 -7.58 39.30 -16.97
C GLU C 298 -8.06 38.03 -17.63
N ALA C 299 -7.67 37.79 -18.88
CA ALA C 299 -8.09 36.56 -19.53
C ALA C 299 -7.39 35.35 -18.93
N ALA C 300 -6.12 35.52 -18.56
CA ALA C 300 -5.40 34.46 -17.86
C ALA C 300 -5.97 34.19 -16.48
N ALA C 301 -6.38 35.24 -15.77
CA ALA C 301 -7.05 35.04 -14.50
C ALA C 301 -8.42 34.40 -14.66
N TYR C 302 -9.13 34.68 -15.76
CA TYR C 302 -10.43 34.05 -15.93
C TYR C 302 -10.32 32.58 -16.27
N ILE C 303 -9.33 32.21 -17.08
CA ILE C 303 -9.13 30.80 -17.35
C ILE C 303 -8.67 30.06 -16.09
N GLN C 304 -7.75 30.67 -15.31
CA GLN C 304 -7.30 30.06 -14.06
C GLN C 304 -8.44 29.90 -13.05
N CYS C 305 -9.30 30.90 -12.92
CA CYS C 305 -10.41 30.80 -11.97
C CYS C 305 -11.47 29.85 -12.49
N GLN C 306 -11.53 29.64 -13.81
CA GLN C 306 -12.46 28.67 -14.33
C GLN C 306 -11.94 27.26 -14.08
N PHE C 307 -10.64 27.05 -14.13
CA PHE C 307 -10.15 25.73 -13.77
C PHE C 307 -10.26 25.46 -12.27
N GLU C 308 -9.77 26.38 -11.42
CA GLU C 308 -9.77 26.12 -9.98
C GLU C 308 -11.13 26.19 -9.30
N ASP C 309 -12.22 26.35 -10.06
CA ASP C 309 -13.57 26.41 -9.43
C ASP C 309 -14.19 25.00 -9.47
N LEU C 310 -13.55 24.10 -10.23
CA LEU C 310 -14.06 22.78 -10.54
C LEU C 310 -13.87 21.78 -9.42
N ASN C 311 -12.97 22.04 -8.47
CA ASN C 311 -12.76 21.10 -7.37
C ASN C 311 -13.96 21.15 -6.44
N LYS C 312 -14.67 20.03 -6.34
CA LYS C 312 -15.78 19.97 -5.40
C LYS C 312 -15.31 19.94 -3.95
N ARG C 313 -14.03 19.64 -3.73
CA ARG C 313 -13.40 19.66 -2.43
C ARG C 313 -12.24 20.67 -2.44
N LYS C 314 -12.15 21.48 -1.38
CA LYS C 314 -11.01 22.37 -1.23
C LYS C 314 -10.35 22.25 0.14
N ASP C 315 -11.03 21.60 1.08
CA ASP C 315 -10.42 21.35 2.38
C ASP C 315 -9.39 20.24 2.32
N THR C 316 -9.37 19.46 1.24
CA THR C 316 -8.52 18.28 1.21
C THR C 316 -7.29 18.52 0.34
N LYS C 317 -7.46 19.22 -0.77
CA LYS C 317 -6.36 19.43 -1.68
C LYS C 317 -6.43 20.82 -2.28
N GLU C 318 -5.45 21.17 -3.09
CA GLU C 318 -5.27 22.55 -3.53
C GLU C 318 -4.50 22.60 -4.84
N ILE C 319 -5.06 23.28 -5.83
CA ILE C 319 -4.49 23.27 -7.17
C ILE C 319 -3.49 24.41 -7.30
N TYR C 320 -2.33 24.11 -7.86
CA TYR C 320 -1.20 25.01 -7.98
C TYR C 320 -0.93 25.35 -9.44
N THR C 321 -1.28 26.58 -9.83
CA THR C 321 -1.28 27.03 -11.22
C THR C 321 -0.03 27.83 -11.55
N HIS C 322 0.49 27.60 -12.75
CA HIS C 322 1.68 28.28 -13.25
C HIS C 322 1.44 28.59 -14.73
N PHE C 323 2.02 29.68 -15.19
CA PHE C 323 2.01 30.06 -16.59
C PHE C 323 3.38 29.84 -17.22
N THR C 324 3.43 28.99 -18.24
CA THR C 324 4.69 28.52 -18.79
C THR C 324 4.57 28.33 -20.29
N CYS C 325 5.73 28.29 -20.97
CA CYS C 325 5.81 28.09 -22.41
C CYS C 325 7.22 27.59 -22.72
N ALA C 326 7.60 27.56 -24.00
CA ALA C 326 9.00 27.33 -24.39
C ALA C 326 9.95 28.49 -24.13
N THR C 327 9.88 29.08 -22.94
CA THR C 327 10.76 30.07 -22.31
C THR C 327 10.47 29.91 -20.82
N ASP C 328 10.91 30.91 -20.02
CA ASP C 328 10.79 30.86 -18.56
C ASP C 328 11.47 29.64 -17.97
N THR C 329 12.78 29.68 -17.70
CA THR C 329 13.34 28.47 -17.16
C THR C 329 13.03 28.27 -15.69
N LYS C 330 12.40 29.24 -15.03
CA LYS C 330 11.88 29.11 -13.67
C LYS C 330 10.72 28.11 -13.74
N ASN C 331 11.00 26.82 -13.92
CA ASN C 331 9.98 25.78 -13.91
C ASN C 331 10.16 24.76 -12.79
N VAL C 332 11.30 24.08 -12.76
CA VAL C 332 11.53 22.97 -11.83
C VAL C 332 11.61 23.46 -10.40
N GLN C 333 11.98 24.71 -10.19
CA GLN C 333 11.96 25.23 -8.83
C GLN C 333 10.50 25.39 -8.36
N PHE C 334 9.61 25.78 -9.28
CA PHE C 334 8.19 25.87 -8.92
C PHE C 334 7.59 24.49 -8.73
N VAL C 335 8.10 23.51 -9.48
CA VAL C 335 7.68 22.11 -9.34
C VAL C 335 8.05 21.61 -7.96
N PHE C 336 9.27 21.90 -7.54
CA PHE C 336 9.75 21.42 -6.25
C PHE C 336 9.11 22.21 -5.11
N ASP C 337 8.71 23.46 -5.36
CA ASP C 337 7.97 24.20 -4.35
C ASP C 337 6.59 23.58 -4.12
N ALA C 338 5.94 23.20 -5.22
CA ALA C 338 4.65 22.52 -5.12
C ALA C 338 4.77 21.15 -4.47
N VAL C 339 5.81 20.39 -4.83
CA VAL C 339 6.01 19.08 -4.23
C VAL C 339 6.30 19.21 -2.74
N THR C 340 7.06 20.23 -2.35
CA THR C 340 7.32 20.44 -0.94
C THR C 340 6.05 20.81 -0.19
N ASP C 341 5.21 21.68 -0.77
CA ASP C 341 3.97 22.03 -0.06
C ASP C 341 3.01 20.86 0.06
N VAL C 342 2.92 20.01 -0.97
CA VAL C 342 2.04 18.84 -0.85
C VAL C 342 2.61 17.83 0.14
N ILE C 343 3.94 17.60 0.12
CA ILE C 343 4.54 16.63 1.02
C ILE C 343 4.48 17.12 2.47
N ILE C 344 4.66 18.42 2.70
CA ILE C 344 4.54 18.99 4.05
C ILE C 344 3.11 18.86 4.55
N LYS C 345 2.13 19.05 3.67
CA LYS C 345 0.76 18.95 4.14
C LYS C 345 0.36 17.48 4.35
N ASN C 346 0.94 16.57 3.58
CA ASN C 346 0.74 15.14 3.84
C ASN C 346 1.38 14.72 5.16
N ASN C 347 2.59 15.22 5.43
CA ASN C 347 3.27 14.89 6.68
C ASN C 347 2.54 15.46 7.89
N LEU C 348 2.05 16.69 7.76
CA LEU C 348 1.32 17.32 8.88
C LEU C 348 0.08 16.48 9.15
N LYS C 349 -0.62 16.09 8.09
CA LYS C 349 -1.86 15.29 8.24
C LYS C 349 -1.48 13.96 8.88
N ASP C 350 -0.33 13.40 8.50
CA ASP C 350 0.08 12.07 9.06
C ASP C 350 0.46 12.25 10.52
N CYS C 351 0.91 13.44 10.90
CA CYS C 351 1.16 13.69 12.31
C CYS C 351 -0.20 13.92 12.94
N GLY C 352 -0.27 13.95 14.28
CA GLY C 352 -1.59 14.21 14.85
C GLY C 352 -1.98 15.67 14.83
N LEU C 353 -1.06 16.51 14.36
CA LEU C 353 -1.37 17.95 14.23
C LEU C 353 -2.17 18.17 12.94
N PHE C 354 -2.72 19.37 12.78
CA PHE C 354 -3.52 19.75 11.59
C PHE C 354 -4.77 18.90 11.35
N LEU D 51 -30.57 -21.94 -11.41
CA LEU D 51 -29.81 -23.08 -10.91
C LEU D 51 -30.20 -23.37 -9.46
N SER D 52 -30.62 -22.33 -8.75
CA SER D 52 -30.94 -22.46 -7.32
C SER D 52 -32.24 -23.21 -7.10
N GLN D 53 -33.12 -23.29 -8.10
CA GLN D 53 -34.36 -24.04 -7.97
C GLN D 53 -34.08 -25.54 -8.12
N ILE D 54 -33.08 -25.89 -8.93
CA ILE D 54 -32.70 -27.29 -9.09
C ILE D 54 -31.89 -27.73 -7.89
N THR D 55 -30.80 -27.00 -7.61
CA THR D 55 -29.72 -27.39 -6.71
C THR D 55 -29.96 -26.95 -5.27
N ASN D 56 -31.22 -26.86 -4.86
CA ASN D 56 -31.55 -26.62 -3.46
C ASN D 56 -31.88 -27.90 -2.70
N ASN D 57 -32.09 -29.02 -3.39
CA ASN D 57 -32.34 -30.27 -2.68
C ASN D 57 -31.06 -30.80 -2.02
N ILE D 58 -29.90 -30.44 -2.55
CA ILE D 58 -28.63 -30.87 -1.95
C ILE D 58 -28.51 -30.13 -0.62
N ASP D 59 -28.15 -30.86 0.43
CA ASP D 59 -27.97 -30.23 1.72
C ASP D 59 -26.85 -29.20 1.70
N PRO D 60 -26.98 -28.09 2.44
CA PRO D 60 -26.00 -27.01 2.37
C PRO D 60 -24.71 -27.37 3.06
N VAL D 61 -23.69 -26.56 2.76
CA VAL D 61 -22.34 -26.87 3.23
C VAL D 61 -22.14 -26.52 4.69
N GLY D 62 -23.07 -25.81 5.30
CA GLY D 62 -22.86 -25.34 6.65
C GLY D 62 -21.96 -24.13 6.67
N ARG D 63 -21.77 -23.60 7.86
CA ARG D 63 -20.96 -22.40 8.02
C ARG D 63 -19.49 -22.82 7.87
N ILE D 64 -18.77 -22.09 7.05
CA ILE D 64 -17.35 -22.32 6.82
C ILE D 64 -16.52 -21.36 7.64
N GLN D 65 -15.69 -21.92 8.52
CA GLN D 65 -14.79 -21.15 9.34
C GLN D 65 -13.37 -21.58 8.96
N MET D 66 -12.55 -20.59 8.64
CA MET D 66 -11.18 -20.77 8.24
C MET D 66 -10.34 -19.74 8.98
N ARG D 67 -9.16 -20.15 9.38
CA ARG D 67 -8.23 -19.30 10.10
C ARG D 67 -7.06 -18.99 9.18
N THR D 68 -6.37 -17.90 9.45
CA THR D 68 -5.25 -17.48 8.61
C THR D 68 -4.12 -18.44 8.92
N ARG D 69 -3.97 -19.46 8.08
CA ARG D 69 -3.01 -20.49 8.40
C ARG D 69 -1.59 -20.04 8.12
N ARG D 70 -1.41 -19.06 7.23
CA ARG D 70 -0.12 -18.40 7.12
C ARG D 70 -0.34 -16.91 6.89
N THR D 71 0.77 -16.16 6.81
CA THR D 71 0.76 -14.73 6.52
C THR D 71 2.12 -14.35 5.94
N LEU D 72 2.11 -13.88 4.70
CA LEU D 72 3.29 -13.66 3.88
C LEU D 72 3.66 -12.17 3.76
N ARG D 73 4.35 -11.65 4.75
CA ARG D 73 4.60 -10.22 4.74
C ARG D 73 5.88 -9.93 3.96
N GLY D 74 6.05 -8.65 3.61
CA GLY D 74 7.26 -8.22 2.94
C GLY D 74 7.06 -7.10 1.94
N HIS D 75 5.87 -7.00 1.36
CA HIS D 75 5.63 -6.03 0.30
C HIS D 75 5.37 -4.65 0.89
N LEU D 76 5.54 -3.64 0.03
CA LEU D 76 5.37 -2.22 0.44
C LEU D 76 4.33 -1.56 -0.46
N ALA D 77 3.51 -2.34 -1.14
CA ALA D 77 2.44 -1.76 -1.93
C ALA D 77 1.30 -2.75 -2.07
N LYS D 78 0.33 -2.32 -2.86
CA LYS D 78 -0.85 -3.11 -3.16
C LYS D 78 -0.41 -4.32 -3.94
N ILE D 79 -0.86 -5.47 -3.55
CA ILE D 79 -0.49 -6.65 -4.33
C ILE D 79 -1.59 -6.81 -5.37
N TYR D 80 -1.21 -7.22 -6.57
CA TYR D 80 -2.22 -7.35 -7.61
C TYR D 80 -2.44 -8.74 -8.13
N ALA D 81 -1.54 -9.67 -7.90
CA ALA D 81 -1.71 -10.97 -8.49
C ALA D 81 -0.99 -12.01 -7.66
N MET D 82 -1.33 -13.25 -7.96
CA MET D 82 -0.87 -14.40 -7.22
C MET D 82 -1.27 -15.59 -8.08
N HIS D 83 -0.34 -16.50 -8.30
CA HIS D 83 -0.68 -17.73 -8.97
C HIS D 83 0.05 -18.85 -8.25
N TRP D 84 -0.64 -19.97 -8.06
CA TRP D 84 0.00 -21.10 -7.40
C TRP D 84 0.97 -21.78 -8.34
N GLY D 85 1.67 -22.78 -7.85
CA GLY D 85 2.38 -23.69 -8.70
C GLY D 85 1.60 -24.95 -8.91
N THR D 86 1.97 -25.70 -9.94
CA THR D 86 1.33 -26.98 -10.16
C THR D 86 1.81 -28.06 -9.20
N ASP D 87 2.85 -27.78 -8.43
CA ASP D 87 3.24 -28.64 -7.33
C ASP D 87 2.47 -28.30 -6.06
N SER D 88 1.68 -27.22 -6.12
CA SER D 88 0.89 -26.71 -5.01
C SER D 88 1.75 -26.37 -3.80
N ARG D 89 2.95 -25.90 -4.05
CA ARG D 89 3.67 -25.42 -2.88
C ARG D 89 4.27 -24.03 -3.05
N LEU D 90 4.79 -23.71 -4.23
CA LEU D 90 5.31 -22.37 -4.48
C LEU D 90 4.21 -21.47 -5.01
N LEU D 91 4.21 -20.22 -4.57
CA LEU D 91 3.32 -19.23 -5.18
C LEU D 91 4.06 -17.94 -5.41
N VAL D 92 3.82 -17.34 -6.56
CA VAL D 92 4.38 -16.04 -6.93
C VAL D 92 3.37 -14.96 -6.60
N SER D 93 3.84 -13.77 -6.26
CA SER D 93 2.94 -12.68 -5.89
C SER D 93 3.60 -11.35 -6.22
N ALA D 94 2.96 -10.53 -7.05
CA ALA D 94 3.54 -9.27 -7.52
C ALA D 94 2.86 -8.05 -6.93
N SER D 95 3.63 -6.97 -6.86
CA SER D 95 3.11 -5.77 -6.23
C SER D 95 3.73 -4.55 -6.86
N GLN D 96 3.20 -3.39 -6.51
CA GLN D 96 3.55 -2.14 -7.14
C GLN D 96 4.84 -1.53 -6.64
N ASP D 97 5.54 -2.22 -5.75
CA ASP D 97 6.82 -1.74 -5.25
C ASP D 97 7.99 -2.24 -6.09
N GLY D 98 7.71 -2.71 -7.30
CA GLY D 98 8.74 -3.16 -8.22
C GLY D 98 9.16 -4.60 -8.06
N LYS D 99 8.57 -5.33 -7.13
CA LYS D 99 8.96 -6.69 -6.84
C LYS D 99 7.84 -7.67 -7.16
N LEU D 100 8.26 -8.87 -7.56
CA LEU D 100 7.38 -10.03 -7.45
C LEU D 100 8.15 -11.13 -6.74
N ILE D 101 7.48 -11.86 -5.87
CA ILE D 101 8.16 -12.66 -4.87
C ILE D 101 7.61 -14.06 -4.91
N ILE D 102 8.50 -15.02 -5.11
CA ILE D 102 8.12 -16.42 -5.26
C ILE D 102 8.29 -17.05 -3.88
N TRP D 103 7.20 -17.02 -3.12
CA TRP D 103 7.11 -17.59 -1.79
C TRP D 103 7.07 -19.11 -1.84
N ASP D 104 7.45 -19.71 -0.70
CA ASP D 104 7.18 -21.10 -0.39
C ASP D 104 6.06 -21.11 0.64
N SER D 105 4.89 -21.61 0.24
CA SER D 105 3.68 -21.46 1.05
C SER D 105 3.72 -22.23 2.35
N TYR D 106 4.51 -23.31 2.44
CA TYR D 106 4.52 -24.11 3.65
C TYR D 106 5.33 -23.44 4.76
N THR D 107 6.53 -22.99 4.44
CA THR D 107 7.46 -22.48 5.44
C THR D 107 7.49 -20.97 5.48
N THR D 108 6.64 -20.30 4.69
CA THR D 108 6.59 -18.84 4.53
C THR D 108 7.95 -18.26 4.12
N ASN D 109 8.74 -19.03 3.39
CA ASN D 109 10.05 -18.56 2.96
C ASN D 109 9.93 -17.92 1.59
N LYS D 110 10.67 -16.82 1.38
CA LYS D 110 10.73 -16.18 0.07
C LYS D 110 11.80 -16.88 -0.74
N VAL D 111 11.39 -17.72 -1.70
CA VAL D 111 12.40 -18.42 -2.47
C VAL D 111 13.00 -17.51 -3.53
N HIS D 112 12.28 -16.46 -3.92
CA HIS D 112 12.84 -15.53 -4.89
C HIS D 112 12.19 -14.17 -4.71
N ALA D 113 12.86 -13.14 -5.21
CA ALA D 113 12.25 -11.82 -5.34
C ALA D 113 12.85 -11.10 -6.55
N ILE D 114 12.02 -10.79 -7.52
CA ILE D 114 12.49 -10.34 -8.82
C ILE D 114 12.26 -8.84 -8.92
N PRO D 115 13.33 -8.04 -9.07
CA PRO D 115 13.23 -6.58 -9.24
C PRO D 115 12.84 -6.21 -10.67
N LEU D 116 11.72 -5.52 -10.82
CA LEU D 116 11.19 -5.25 -12.18
C LEU D 116 11.59 -3.84 -12.64
N ARG D 117 11.66 -3.67 -13.96
CA ARG D 117 12.21 -2.49 -14.60
C ARG D 117 11.24 -1.33 -14.56
N SER D 118 9.94 -1.62 -14.57
CA SER D 118 8.90 -0.63 -14.39
C SER D 118 8.01 -1.12 -13.26
N SER D 119 7.66 -0.21 -12.35
CA SER D 119 6.97 -0.62 -11.13
C SER D 119 5.52 -1.03 -11.37
N TRP D 120 4.91 -0.61 -12.47
CA TRP D 120 3.46 -0.72 -12.62
C TRP D 120 3.13 -2.09 -13.19
N VAL D 121 2.61 -2.97 -12.33
CA VAL D 121 2.48 -4.39 -12.63
C VAL D 121 1.09 -4.85 -12.25
N MET D 122 0.31 -5.25 -13.24
CA MET D 122 -1.06 -5.65 -12.99
C MET D 122 -1.24 -7.14 -12.80
N THR D 123 -0.38 -7.97 -13.39
CA THR D 123 -0.62 -9.40 -13.37
C THR D 123 0.66 -10.23 -13.27
N CYS D 124 0.45 -11.50 -12.96
CA CYS D 124 1.48 -12.54 -12.94
C CYS D 124 0.87 -13.91 -13.11
N ALA D 125 1.71 -14.83 -13.57
CA ALA D 125 1.34 -16.19 -13.90
C ALA D 125 2.54 -17.07 -13.61
N TYR D 126 2.29 -18.32 -13.27
CA TYR D 126 3.36 -19.23 -12.89
C TYR D 126 3.26 -20.44 -13.80
N ALA D 127 4.30 -20.67 -14.60
CA ALA D 127 4.27 -21.72 -15.60
C ALA D 127 4.10 -23.10 -14.95
N PRO D 128 3.45 -24.04 -15.62
CA PRO D 128 3.18 -25.33 -14.97
C PRO D 128 4.39 -26.23 -14.86
N SER D 129 5.45 -25.92 -15.61
CA SER D 129 6.71 -26.60 -15.39
C SER D 129 7.38 -26.10 -14.12
N GLY D 130 7.21 -24.83 -13.81
CA GLY D 130 7.96 -24.24 -12.73
C GLY D 130 9.22 -23.58 -13.23
N ASN D 131 9.39 -23.45 -14.54
CA ASN D 131 10.60 -22.89 -15.11
C ASN D 131 10.50 -21.40 -15.34
N TYR D 132 9.28 -20.88 -15.50
CA TYR D 132 9.08 -19.51 -15.95
C TYR D 132 8.05 -18.82 -15.09
N VAL D 133 8.18 -17.50 -14.98
CA VAL D 133 7.15 -16.64 -14.45
C VAL D 133 6.93 -15.55 -15.50
N ALA D 134 5.89 -14.76 -15.31
CA ALA D 134 5.64 -13.65 -16.21
C ALA D 134 5.05 -12.49 -15.45
N CYS D 135 5.19 -11.30 -16.02
CA CYS D 135 4.57 -10.13 -15.40
C CYS D 135 4.43 -9.03 -16.44
N GLY D 136 3.34 -8.28 -16.33
CA GLY D 136 3.12 -7.17 -17.23
C GLY D 136 2.21 -6.12 -16.63
N GLY D 137 2.45 -4.88 -17.01
CA GLY D 137 1.56 -3.85 -16.51
C GLY D 137 1.36 -2.71 -17.47
N LEU D 138 1.49 -1.48 -16.98
CA LEU D 138 1.35 -0.30 -17.83
C LEU D 138 2.51 -0.10 -18.79
N ASP D 139 3.58 -0.86 -18.66
CA ASP D 139 4.73 -0.74 -19.55
C ASP D 139 4.50 -1.43 -20.89
N ASN D 140 3.36 -2.09 -21.04
CA ASN D 140 2.92 -2.82 -22.23
C ASN D 140 3.85 -3.98 -22.57
N ILE D 141 4.57 -4.51 -21.59
CA ILE D 141 5.57 -5.53 -21.85
C ILE D 141 5.37 -6.67 -20.86
N CYS D 142 5.18 -7.87 -21.40
CA CYS D 142 4.99 -9.07 -20.59
C CYS D 142 6.34 -9.74 -20.44
N SER D 143 7.14 -9.24 -19.50
CA SER D 143 8.48 -9.74 -19.30
C SER D 143 8.41 -11.17 -18.76
N ILE D 144 9.42 -11.98 -19.07
CA ILE D 144 9.39 -13.40 -18.74
C ILE D 144 10.68 -13.77 -18.00
N TYR D 145 10.54 -14.40 -16.84
CA TYR D 145 11.68 -14.70 -16.00
C TYR D 145 11.89 -16.21 -15.88
N ASN D 146 13.14 -16.63 -15.93
CA ASN D 146 13.53 -18.04 -15.92
C ASN D 146 13.97 -18.44 -14.51
N LEU D 147 13.12 -19.22 -13.85
CA LEU D 147 13.35 -19.62 -12.45
C LEU D 147 14.57 -20.56 -12.39
N LYS D 148 14.58 -21.56 -13.29
CA LYS D 148 15.46 -22.71 -13.19
C LYS D 148 16.71 -22.48 -14.05
N THR D 149 17.51 -21.50 -13.63
CA THR D 149 18.71 -21.16 -14.39
C THR D 149 19.95 -21.83 -13.82
N ARG D 150 20.92 -22.12 -14.69
CA ARG D 150 22.16 -22.74 -14.23
C ARG D 150 22.85 -21.80 -13.28
N GLU D 151 22.85 -20.51 -13.61
CA GLU D 151 23.44 -19.51 -12.74
C GLU D 151 22.70 -19.47 -11.43
N GLY D 152 21.37 -19.64 -11.48
CA GLY D 152 20.57 -19.56 -10.28
C GLY D 152 20.12 -18.15 -10.05
N ASN D 153 20.42 -17.26 -10.99
CA ASN D 153 19.97 -15.90 -10.88
C ASN D 153 18.84 -15.74 -11.86
N VAL D 154 17.67 -15.33 -11.38
CA VAL D 154 16.54 -15.12 -12.27
C VAL D 154 16.82 -13.91 -13.14
N ARG D 155 16.58 -14.02 -14.44
CA ARG D 155 16.85 -12.93 -15.36
C ARG D 155 15.76 -12.84 -16.40
N VAL D 156 15.65 -11.70 -17.06
CA VAL D 156 14.56 -11.52 -17.99
C VAL D 156 14.94 -12.21 -19.27
N SER D 157 14.31 -13.34 -19.53
CA SER D 157 14.68 -14.10 -20.72
C SER D 157 14.36 -13.30 -21.96
N ARG D 158 13.17 -12.71 -21.99
CA ARG D 158 12.78 -11.90 -23.14
C ARG D 158 11.78 -10.87 -22.68
N GLU D 159 11.70 -9.76 -23.39
CA GLU D 159 10.70 -8.77 -23.07
C GLU D 159 9.77 -8.85 -24.24
N LEU D 160 8.51 -9.15 -23.99
CA LEU D 160 7.58 -9.31 -25.09
C LEU D 160 6.93 -7.97 -25.29
N ALA D 161 7.18 -7.35 -26.42
CA ALA D 161 6.66 -6.00 -26.65
C ALA D 161 6.06 -5.80 -28.03
N GLY D 162 5.22 -4.78 -28.17
CA GLY D 162 4.58 -4.51 -29.43
C GLY D 162 3.14 -4.41 -29.03
N HIS D 163 2.79 -3.34 -28.32
CA HIS D 163 1.45 -3.30 -27.77
C HIS D 163 1.17 -1.81 -27.60
N THR D 164 -0.08 -1.43 -27.86
CA THR D 164 -0.49 -0.08 -27.53
C THR D 164 -1.49 -0.03 -26.38
N GLY D 165 -1.20 -0.79 -25.34
CA GLY D 165 -1.96 -0.67 -24.09
C GLY D 165 -1.33 -1.52 -23.02
N TYR D 166 -1.76 -1.26 -21.80
CA TYR D 166 -1.28 -1.99 -20.62
C TYR D 166 -1.71 -3.43 -20.65
N LEU D 167 -0.90 -4.31 -20.08
CA LEU D 167 -1.24 -5.72 -20.15
C LEU D 167 -2.08 -6.07 -18.92
N SER D 168 -3.31 -6.51 -19.14
CA SER D 168 -4.18 -6.85 -18.03
C SER D 168 -3.88 -8.22 -17.45
N CYS D 169 -3.56 -9.21 -18.27
CA CYS D 169 -3.37 -10.54 -17.66
C CYS D 169 -2.47 -11.38 -18.55
N CYS D 170 -1.69 -12.25 -17.91
CA CYS D 170 -0.90 -13.29 -18.55
C CYS D 170 -1.16 -14.65 -17.95
N ARG D 171 -1.19 -15.66 -18.79
CA ARG D 171 -1.24 -17.07 -18.40
C ARG D 171 -0.28 -17.87 -19.26
N PHE D 172 0.38 -18.86 -18.66
CA PHE D 172 1.26 -19.76 -19.38
C PHE D 172 0.50 -20.95 -19.92
N LEU D 173 0.64 -21.22 -21.22
CA LEU D 173 0.13 -22.49 -21.82
C LEU D 173 1.14 -23.61 -21.53
N ASP D 174 2.33 -23.47 -22.12
CA ASP D 174 3.45 -24.40 -22.00
C ASP D 174 4.66 -23.56 -21.61
N ASP D 175 5.86 -24.11 -21.74
CA ASP D 175 7.04 -23.29 -21.53
C ASP D 175 7.34 -22.39 -22.71
N ASN D 176 6.63 -22.54 -23.83
CA ASN D 176 6.92 -21.78 -25.02
C ASN D 176 5.73 -20.96 -25.50
N GLN D 177 4.58 -21.08 -24.86
CA GLN D 177 3.36 -20.40 -25.26
C GLN D 177 2.76 -19.66 -24.09
N ILE D 178 2.43 -18.38 -24.28
CA ILE D 178 1.88 -17.56 -23.20
C ILE D 178 0.78 -16.69 -23.79
N VAL D 179 -0.39 -16.70 -23.17
CA VAL D 179 -1.43 -15.79 -23.62
C VAL D 179 -1.48 -14.57 -22.72
N THR D 180 -1.82 -13.42 -23.31
CA THR D 180 -1.99 -12.17 -22.59
C THR D 180 -3.31 -11.51 -22.95
N SER D 181 -3.56 -10.40 -22.27
CA SER D 181 -4.82 -9.67 -22.33
C SER D 181 -4.41 -8.23 -22.11
N SER D 182 -4.61 -7.39 -23.12
CA SER D 182 -3.91 -6.13 -23.26
C SER D 182 -4.78 -4.94 -22.87
N GLY D 183 -4.27 -3.75 -23.18
CA GLY D 183 -4.96 -2.48 -23.04
C GLY D 183 -5.46 -1.79 -24.29
N ASP D 184 -5.20 -2.39 -25.43
CA ASP D 184 -5.81 -1.91 -26.67
C ASP D 184 -6.94 -2.83 -27.11
N THR D 185 -7.72 -3.31 -26.15
CA THR D 185 -8.99 -4.01 -26.29
C THR D 185 -8.81 -5.36 -26.97
N THR D 186 -7.58 -5.85 -27.04
CA THR D 186 -7.25 -7.08 -27.71
C THR D 186 -6.60 -8.04 -26.73
N CYS D 187 -6.67 -9.32 -27.06
CA CYS D 187 -5.86 -10.30 -26.38
C CYS D 187 -4.84 -10.84 -27.38
N ALA D 188 -3.88 -11.59 -26.88
CA ALA D 188 -2.85 -12.10 -27.77
C ALA D 188 -2.33 -13.42 -27.24
N LEU D 189 -1.47 -14.03 -28.04
CA LEU D 189 -0.77 -15.25 -27.68
C LEU D 189 0.63 -15.05 -28.19
N TRP D 190 1.58 -15.13 -27.28
CA TRP D 190 2.96 -14.88 -27.62
C TRP D 190 3.66 -16.24 -27.69
N ASP D 191 4.71 -16.29 -28.51
CA ASP D 191 5.77 -17.31 -28.47
C ASP D 191 7.08 -16.72 -27.99
N ILE D 192 7.58 -17.21 -26.86
CA ILE D 192 8.69 -16.56 -26.17
C ILE D 192 10.00 -16.72 -26.95
N GLU D 193 10.19 -17.86 -27.62
CA GLU D 193 11.44 -18.12 -28.35
C GLU D 193 11.63 -17.21 -29.55
N THR D 194 10.57 -16.91 -30.28
CA THR D 194 10.71 -15.98 -31.39
C THR D 194 10.62 -14.52 -30.95
N GLY D 195 9.75 -14.21 -30.00
CA GLY D 195 9.58 -12.83 -29.61
C GLY D 195 8.48 -12.15 -30.37
N GLN D 196 7.82 -12.87 -31.26
CA GLN D 196 6.77 -12.37 -32.12
C GLN D 196 5.44 -12.86 -31.57
N GLN D 197 4.40 -12.03 -31.67
CA GLN D 197 3.10 -12.44 -31.19
C GLN D 197 2.51 -13.36 -32.23
N THR D 198 2.08 -14.55 -31.80
CA THR D 198 1.60 -15.49 -32.80
C THR D 198 0.20 -15.14 -33.27
N THR D 199 -0.78 -15.16 -32.37
CA THR D 199 -2.16 -15.06 -32.81
C THR D 199 -2.82 -13.92 -32.05
N THR D 200 -3.04 -12.79 -32.72
CA THR D 200 -3.65 -11.64 -32.09
C THR D 200 -5.18 -11.75 -32.10
N PHE D 201 -5.81 -11.48 -30.97
CA PHE D 201 -7.26 -11.63 -30.80
C PHE D 201 -7.89 -10.25 -30.73
N THR D 202 -8.45 -9.81 -31.85
CA THR D 202 -9.08 -8.51 -31.99
C THR D 202 -10.59 -8.67 -32.03
N GLY D 203 -11.32 -7.68 -31.49
CA GLY D 203 -12.76 -7.78 -31.54
C GLY D 203 -13.56 -7.18 -30.40
N HIS D 204 -12.91 -6.79 -29.33
CA HIS D 204 -13.59 -6.04 -28.28
C HIS D 204 -13.62 -4.55 -28.57
N THR D 205 -14.59 -3.88 -27.96
CA THR D 205 -14.79 -2.44 -28.09
C THR D 205 -14.29 -1.68 -26.87
N GLY D 206 -14.58 -2.19 -25.68
CA GLY D 206 -14.00 -1.68 -24.46
C GLY D 206 -12.85 -2.59 -24.09
N ASP D 207 -11.95 -2.07 -23.27
CA ASP D 207 -10.70 -2.74 -23.00
C ASP D 207 -10.88 -4.02 -22.18
N VAL D 208 -9.98 -4.97 -22.42
CA VAL D 208 -10.15 -6.30 -21.83
C VAL D 208 -9.54 -6.27 -20.45
N MET D 209 -10.12 -7.03 -19.53
CA MET D 209 -9.72 -6.90 -18.14
C MET D 209 -9.27 -8.18 -17.50
N SER D 210 -9.69 -9.35 -17.99
CA SER D 210 -9.14 -10.55 -17.38
C SER D 210 -9.04 -11.65 -18.42
N LEU D 211 -8.68 -12.84 -17.95
CA LEU D 211 -8.29 -13.96 -18.79
C LEU D 211 -8.12 -15.18 -17.90
N SER D 212 -8.51 -16.34 -18.41
CA SER D 212 -8.47 -17.58 -17.64
C SER D 212 -8.33 -18.76 -18.58
N LEU D 213 -7.14 -19.36 -18.62
CA LEU D 213 -6.94 -20.59 -19.37
C LEU D 213 -7.76 -21.73 -18.80
N ALA D 214 -8.13 -22.65 -19.68
CA ALA D 214 -8.80 -23.86 -19.26
C ALA D 214 -7.78 -24.80 -18.62
N PRO D 215 -8.25 -25.80 -17.86
CA PRO D 215 -7.32 -26.79 -17.30
C PRO D 215 -6.59 -27.62 -18.34
N ASP D 216 -7.20 -27.88 -19.50
CA ASP D 216 -6.51 -28.65 -20.54
C ASP D 216 -5.81 -27.74 -21.53
N THR D 217 -5.93 -26.43 -21.34
CA THR D 217 -5.20 -25.38 -22.08
C THR D 217 -5.40 -25.44 -23.60
N ARG D 218 -6.51 -25.98 -24.07
CA ARG D 218 -6.80 -25.86 -25.48
C ARG D 218 -7.48 -24.54 -25.82
N LEU D 219 -8.17 -23.93 -24.86
CA LEU D 219 -8.93 -22.70 -25.09
C LEU D 219 -8.88 -21.87 -23.82
N PHE D 220 -9.44 -20.67 -23.90
CA PHE D 220 -9.47 -19.79 -22.73
C PHE D 220 -10.60 -18.79 -22.89
N VAL D 221 -10.83 -18.07 -21.80
CA VAL D 221 -11.91 -17.10 -21.71
C VAL D 221 -11.36 -15.76 -21.25
N SER D 222 -11.73 -14.69 -21.93
CA SER D 222 -11.27 -13.37 -21.57
C SER D 222 -12.45 -12.46 -21.33
N GLY D 223 -12.30 -11.55 -20.38
CA GLY D 223 -13.38 -10.64 -20.07
C GLY D 223 -13.00 -9.20 -20.26
N ALA D 224 -13.98 -8.32 -20.46
CA ALA D 224 -13.67 -6.97 -20.85
C ALA D 224 -14.69 -5.99 -20.29
N CYS D 225 -14.52 -4.72 -20.66
CA CYS D 225 -15.41 -3.62 -20.33
C CYS D 225 -16.66 -3.56 -21.20
N ASP D 226 -16.83 -4.50 -22.13
CA ASP D 226 -18.04 -4.60 -22.93
C ASP D 226 -19.16 -5.32 -22.19
N ALA D 227 -18.86 -5.81 -20.99
CA ALA D 227 -19.63 -6.83 -20.28
C ALA D 227 -19.87 -8.07 -21.14
N SER D 228 -18.86 -8.42 -21.95
CA SER D 228 -18.94 -9.51 -22.90
C SER D 228 -17.74 -10.41 -22.66
N ALA D 229 -17.93 -11.54 -21.99
CA ALA D 229 -16.86 -12.51 -21.90
C ALA D 229 -16.78 -13.28 -23.20
N LYS D 230 -15.59 -13.44 -23.74
CA LYS D 230 -15.46 -14.16 -25.00
C LYS D 230 -14.57 -15.37 -24.80
N LEU D 231 -15.01 -16.48 -25.41
CA LEU D 231 -14.31 -17.76 -25.37
C LEU D 231 -13.46 -17.88 -26.62
N TRP D 232 -12.19 -17.52 -26.50
CA TRP D 232 -11.38 -17.61 -27.70
C TRP D 232 -10.96 -19.07 -27.93
N ASP D 233 -10.15 -19.29 -28.95
CA ASP D 233 -9.62 -20.62 -29.22
C ASP D 233 -8.18 -20.49 -29.68
N VAL D 234 -7.29 -21.22 -29.02
CA VAL D 234 -5.87 -21.01 -29.17
C VAL D 234 -5.37 -21.52 -30.52
N ARG D 235 -5.80 -22.73 -30.93
CA ARG D 235 -5.24 -23.33 -32.13
C ARG D 235 -5.73 -22.64 -33.40
N GLU D 236 -7.05 -22.46 -33.53
CA GLU D 236 -7.59 -21.89 -34.77
C GLU D 236 -7.32 -20.38 -34.81
N GLY D 237 -7.70 -19.65 -33.77
CA GLY D 237 -7.38 -18.25 -33.66
C GLY D 237 -8.55 -17.29 -33.77
N MET D 238 -9.78 -17.78 -33.70
CA MET D 238 -10.93 -16.90 -33.70
C MET D 238 -11.77 -17.14 -32.46
N CYS D 239 -12.54 -16.12 -32.08
CA CYS D 239 -13.49 -16.25 -30.99
C CYS D 239 -14.60 -17.23 -31.35
N ARG D 240 -15.12 -17.91 -30.33
CA ARG D 240 -16.26 -18.79 -30.52
C ARG D 240 -17.54 -18.21 -29.93
N GLN D 241 -17.53 -17.83 -28.66
CA GLN D 241 -18.77 -17.42 -28.03
C GLN D 241 -18.57 -16.09 -27.32
N THR D 242 -19.61 -15.27 -27.34
CA THR D 242 -19.62 -13.97 -26.66
C THR D 242 -20.80 -13.91 -25.70
N PHE D 243 -20.49 -13.56 -24.45
CA PHE D 243 -21.43 -13.61 -23.33
C PHE D 243 -21.72 -12.21 -22.82
N THR D 244 -23.00 -11.86 -22.76
CA THR D 244 -23.38 -10.60 -22.15
C THR D 244 -24.27 -10.96 -20.96
N GLY D 245 -24.60 -9.97 -20.13
CA GLY D 245 -25.44 -10.18 -18.97
C GLY D 245 -24.99 -9.41 -17.76
N HIS D 246 -23.92 -8.64 -17.90
CA HIS D 246 -23.49 -7.71 -16.88
C HIS D 246 -23.90 -6.30 -17.28
N GLU D 247 -24.18 -5.48 -16.28
CA GLU D 247 -24.50 -4.08 -16.55
C GLU D 247 -23.27 -3.34 -17.04
N SER D 248 -22.22 -3.31 -16.25
CA SER D 248 -20.97 -2.63 -16.56
C SER D 248 -19.83 -3.64 -16.63
N ASP D 249 -18.61 -3.06 -16.69
CA ASP D 249 -17.32 -3.71 -16.88
C ASP D 249 -17.13 -4.95 -16.01
N ILE D 250 -16.42 -5.94 -16.54
CA ILE D 250 -16.11 -7.17 -15.83
C ILE D 250 -14.63 -7.19 -15.52
N ASN D 251 -14.27 -7.62 -14.30
CA ASN D 251 -12.93 -7.46 -13.76
C ASN D 251 -12.23 -8.77 -13.42
N ALA D 252 -12.89 -9.92 -13.54
CA ALA D 252 -12.35 -11.16 -12.97
C ALA D 252 -13.05 -12.33 -13.64
N ILE D 253 -12.28 -13.26 -14.22
CA ILE D 253 -12.84 -14.47 -14.81
C ILE D 253 -12.05 -15.69 -14.33
N CYS D 254 -12.76 -16.73 -13.89
CA CYS D 254 -12.11 -18.00 -13.56
C CYS D 254 -12.88 -19.20 -14.10
N PHE D 255 -12.17 -20.11 -14.78
CA PHE D 255 -12.79 -21.36 -15.21
C PHE D 255 -13.27 -22.21 -14.06
N PHE D 256 -14.42 -22.86 -14.27
CA PHE D 256 -14.81 -24.00 -13.45
C PHE D 256 -13.78 -25.11 -13.65
N PRO D 257 -13.52 -25.94 -12.63
CA PRO D 257 -12.43 -26.93 -12.74
C PRO D 257 -12.64 -27.99 -13.81
N ASN D 258 -13.87 -28.27 -14.26
CA ASN D 258 -14.02 -29.21 -15.37
C ASN D 258 -13.54 -28.62 -16.68
N GLY D 259 -13.41 -27.30 -16.76
CA GLY D 259 -13.08 -26.62 -18.00
C GLY D 259 -14.26 -26.40 -18.90
N ASN D 260 -15.47 -26.68 -18.45
CA ASN D 260 -16.67 -26.55 -19.26
C ASN D 260 -17.56 -25.41 -18.80
N ALA D 261 -17.08 -24.58 -17.87
CA ALA D 261 -17.84 -23.41 -17.43
C ALA D 261 -16.86 -22.40 -16.86
N PHE D 262 -17.39 -21.23 -16.51
CA PHE D 262 -16.60 -20.19 -15.86
C PHE D 262 -17.47 -19.16 -15.18
N ALA D 263 -16.98 -18.67 -14.05
CA ALA D 263 -17.60 -17.56 -13.33
C ALA D 263 -16.97 -16.25 -13.79
N THR D 264 -17.62 -15.14 -13.44
CA THR D 264 -17.19 -13.82 -13.91
C THR D 264 -17.52 -12.81 -12.82
N GLY D 265 -16.52 -12.11 -12.33
CA GLY D 265 -16.70 -11.11 -11.28
C GLY D 265 -16.60 -9.73 -11.90
N SER D 266 -17.49 -8.82 -11.52
CA SER D 266 -17.61 -7.55 -12.21
C SER D 266 -17.63 -6.41 -11.19
N ASP D 267 -17.69 -5.18 -11.70
CA ASP D 267 -17.87 -4.02 -10.83
C ASP D 267 -19.32 -3.77 -10.46
N ASP D 268 -20.20 -4.73 -10.72
CA ASP D 268 -21.64 -4.58 -10.53
C ASP D 268 -22.10 -5.33 -9.28
N ALA D 269 -21.14 -5.74 -8.43
CA ALA D 269 -21.35 -6.61 -7.26
C ALA D 269 -22.01 -7.93 -7.62
N THR D 270 -21.77 -8.44 -8.82
CA THR D 270 -22.41 -9.66 -9.30
C THR D 270 -21.34 -10.60 -9.83
N CYS D 271 -21.30 -11.80 -9.30
CA CYS D 271 -20.60 -12.89 -9.95
C CYS D 271 -21.64 -13.63 -10.76
N ARG D 272 -21.26 -14.06 -11.95
CA ARG D 272 -22.22 -14.71 -12.84
C ARG D 272 -21.48 -15.87 -13.47
N LEU D 273 -21.91 -17.09 -13.15
CA LEU D 273 -21.28 -18.23 -13.77
C LEU D 273 -21.99 -18.56 -15.07
N PHE D 274 -21.21 -18.63 -16.15
CA PHE D 274 -21.66 -18.91 -17.50
C PHE D 274 -21.31 -20.33 -17.92
N ASP D 275 -21.97 -20.79 -18.97
CA ASP D 275 -21.69 -22.08 -19.56
C ASP D 275 -21.17 -21.79 -20.96
N LEU D 276 -20.24 -22.61 -21.44
CA LEU D 276 -19.69 -22.34 -22.76
C LEU D 276 -20.49 -23.04 -23.84
N ARG D 277 -20.95 -24.24 -23.54
CA ARG D 277 -21.78 -25.00 -24.46
C ARG D 277 -23.16 -24.36 -24.63
N ALA D 278 -23.83 -24.03 -23.54
CA ALA D 278 -25.18 -23.48 -23.62
C ALA D 278 -25.23 -22.02 -24.01
N ASP D 279 -24.08 -21.35 -24.05
CA ASP D 279 -23.93 -20.02 -24.66
C ASP D 279 -24.74 -18.93 -23.94
N GLN D 280 -25.05 -19.12 -22.65
CA GLN D 280 -25.80 -18.08 -21.96
C GLN D 280 -25.38 -18.10 -20.49
N GLU D 281 -25.85 -17.09 -19.76
CA GLU D 281 -25.63 -16.99 -18.33
C GLU D 281 -26.37 -18.11 -17.60
N LEU D 282 -25.75 -18.65 -16.56
CA LEU D 282 -26.35 -19.76 -15.84
C LEU D 282 -26.74 -19.29 -14.44
N MET D 283 -25.87 -18.60 -13.73
CA MET D 283 -26.21 -18.21 -12.36
C MET D 283 -25.69 -16.81 -12.09
N THR D 284 -26.36 -16.13 -11.16
CA THR D 284 -26.08 -14.76 -10.72
C THR D 284 -25.82 -14.77 -9.23
N TYR D 285 -24.58 -15.02 -8.86
CA TYR D 285 -24.20 -15.05 -7.46
C TYR D 285 -24.12 -13.60 -7.02
N SER D 286 -25.18 -13.15 -6.35
CA SER D 286 -25.21 -11.78 -5.84
C SER D 286 -26.09 -11.77 -4.61
N HIS D 287 -25.95 -10.73 -3.82
CA HIS D 287 -26.69 -10.62 -2.58
C HIS D 287 -26.96 -9.17 -2.25
N ASP D 288 -28.02 -8.95 -1.49
CA ASP D 288 -28.41 -7.59 -1.15
C ASP D 288 -27.43 -7.06 -0.11
N ASN D 289 -27.58 -5.78 0.24
CA ASN D 289 -26.76 -4.98 1.16
C ASN D 289 -25.29 -4.83 0.77
N ILE D 290 -24.83 -5.49 -0.30
CA ILE D 290 -23.47 -5.30 -0.80
C ILE D 290 -23.58 -4.68 -2.18
N ILE D 291 -22.74 -3.67 -2.44
CA ILE D 291 -22.76 -2.93 -3.69
C ILE D 291 -21.39 -2.72 -4.29
N CYS D 292 -20.31 -3.07 -3.59
CA CYS D 292 -18.98 -2.71 -4.06
C CYS D 292 -18.53 -3.62 -5.19
N GLY D 293 -17.35 -3.32 -5.75
CA GLY D 293 -16.88 -4.08 -6.88
C GLY D 293 -16.17 -5.36 -6.50
N ILE D 294 -15.94 -6.19 -7.52
CA ILE D 294 -15.26 -7.46 -7.37
C ILE D 294 -13.95 -7.39 -8.13
N THR D 295 -12.86 -7.78 -7.48
CA THR D 295 -11.54 -7.69 -8.08
C THR D 295 -10.97 -9.03 -8.51
N SER D 296 -11.33 -10.11 -7.83
CA SER D 296 -10.83 -11.42 -8.23
C SER D 296 -11.81 -12.50 -7.80
N VAL D 297 -11.93 -13.53 -8.63
CA VAL D 297 -12.67 -14.74 -8.30
C VAL D 297 -11.79 -15.97 -8.53
N SER D 298 -12.11 -17.05 -7.82
CA SER D 298 -11.52 -18.37 -8.05
C SER D 298 -12.41 -19.44 -7.45
N PHE D 299 -12.42 -20.61 -8.08
CA PHE D 299 -13.23 -21.73 -7.62
C PHE D 299 -12.46 -22.56 -6.60
N SER D 300 -13.14 -23.52 -5.99
CA SER D 300 -12.46 -24.54 -5.22
C SER D 300 -12.01 -25.64 -6.17
N LYS D 301 -11.53 -26.77 -5.64
CA LYS D 301 -11.07 -27.82 -6.54
C LYS D 301 -12.26 -28.62 -7.05
N SER D 302 -13.21 -28.91 -6.16
CA SER D 302 -14.41 -29.60 -6.57
C SER D 302 -15.39 -28.66 -7.27
N GLY D 303 -15.39 -27.39 -6.88
CA GLY D 303 -16.34 -26.46 -7.43
C GLY D 303 -17.45 -26.12 -6.47
N ARG D 304 -17.44 -26.67 -5.25
CA ARG D 304 -18.57 -26.55 -4.34
C ARG D 304 -18.64 -25.15 -3.76
N LEU D 305 -17.50 -24.50 -3.64
CA LEU D 305 -17.44 -23.18 -3.03
C LEU D 305 -16.59 -22.32 -3.93
N LEU D 306 -17.09 -21.15 -4.26
CA LEU D 306 -16.37 -20.20 -5.09
C LEU D 306 -16.00 -19.02 -4.21
N LEU D 307 -14.83 -18.48 -4.43
CA LEU D 307 -14.32 -17.46 -3.54
C LEU D 307 -14.35 -16.16 -4.31
N ALA D 308 -15.10 -15.19 -3.80
CA ALA D 308 -15.28 -13.92 -4.47
C ALA D 308 -14.63 -12.79 -3.69
N GLY D 309 -13.91 -11.95 -4.39
CA GLY D 309 -13.21 -10.86 -3.74
C GLY D 309 -13.84 -9.50 -3.93
N TYR D 310 -14.53 -9.02 -2.90
CA TYR D 310 -15.31 -7.80 -2.95
C TYR D 310 -14.45 -6.59 -2.57
N ASP D 311 -15.00 -5.40 -2.80
CA ASP D 311 -14.42 -4.21 -2.20
C ASP D 311 -15.20 -3.67 -1.01
N ASP D 312 -15.81 -4.56 -0.22
CA ASP D 312 -16.15 -4.27 1.17
C ASP D 312 -14.98 -4.57 2.13
N PHE D 313 -13.79 -4.80 1.58
CA PHE D 313 -12.46 -5.06 2.17
C PHE D 313 -12.25 -6.50 2.62
N ASN D 314 -13.21 -7.39 2.42
CA ASN D 314 -13.12 -8.78 2.88
C ASN D 314 -13.64 -9.66 1.77
N CYS D 315 -13.18 -10.91 1.75
CA CYS D 315 -13.62 -11.88 0.75
C CYS D 315 -14.79 -12.70 1.23
N ASN D 316 -15.71 -12.99 0.32
CA ASN D 316 -16.85 -13.81 0.65
C ASN D 316 -16.76 -15.14 -0.08
N VAL D 317 -17.36 -16.16 0.53
CA VAL D 317 -17.27 -17.54 0.11
C VAL D 317 -18.68 -18.00 -0.24
N TRP D 318 -18.93 -18.22 -1.53
CA TRP D 318 -20.23 -18.53 -2.08
C TRP D 318 -20.44 -20.00 -2.36
N ASP D 319 -21.50 -20.54 -1.79
CA ASP D 319 -21.99 -21.85 -2.19
C ASP D 319 -22.38 -21.75 -3.65
N ALA D 320 -21.68 -22.49 -4.50
CA ALA D 320 -21.81 -22.35 -5.93
C ALA D 320 -23.09 -22.96 -6.48
N LEU D 321 -23.86 -23.67 -5.66
CA LEU D 321 -25.11 -24.28 -6.10
C LEU D 321 -26.36 -23.60 -5.59
N LYS D 322 -26.35 -23.04 -4.38
CA LYS D 322 -27.54 -22.38 -3.90
C LYS D 322 -27.43 -20.87 -3.92
N ALA D 323 -26.25 -20.33 -4.30
CA ALA D 323 -25.99 -18.89 -4.43
C ALA D 323 -26.26 -18.21 -3.10
N ASP D 324 -25.75 -18.85 -2.05
CA ASP D 324 -25.76 -18.38 -0.69
C ASP D 324 -24.36 -17.94 -0.29
N ARG D 325 -24.29 -16.88 0.50
CA ARG D 325 -22.99 -16.51 1.03
C ARG D 325 -22.76 -17.52 2.13
N ALA D 326 -21.85 -18.44 1.87
CA ALA D 326 -21.65 -19.59 2.72
C ALA D 326 -20.69 -19.27 3.85
N GLY D 327 -19.78 -18.33 3.62
CA GLY D 327 -18.79 -18.00 4.61
C GLY D 327 -18.18 -16.66 4.32
N VAL D 328 -17.56 -16.08 5.33
CA VAL D 328 -16.96 -14.75 5.21
C VAL D 328 -15.51 -14.89 5.62
N LEU D 329 -14.62 -14.32 4.83
CA LEU D 329 -13.20 -14.34 5.08
C LEU D 329 -12.84 -12.89 5.35
N ALA D 330 -12.76 -12.55 6.62
CA ALA D 330 -12.73 -11.16 7.05
C ALA D 330 -11.34 -10.75 7.51
N GLY D 331 -10.33 -11.20 6.77
CA GLY D 331 -8.98 -10.94 7.20
C GLY D 331 -8.48 -9.56 6.87
N HIS D 332 -8.73 -9.09 5.66
CA HIS D 332 -7.99 -7.94 5.17
C HIS D 332 -8.62 -6.63 5.59
N ASP D 333 -7.82 -5.57 5.49
CA ASP D 333 -8.26 -4.22 5.85
C ASP D 333 -8.18 -3.28 4.65
N ASN D 334 -8.23 -3.83 3.44
CA ASN D 334 -8.40 -3.05 2.22
C ASN D 334 -8.93 -4.01 1.15
N ARG D 335 -8.92 -3.54 -0.11
CA ARG D 335 -9.49 -4.31 -1.22
C ARG D 335 -8.73 -5.60 -1.48
N VAL D 336 -9.45 -6.72 -1.44
CA VAL D 336 -8.86 -8.01 -1.77
C VAL D 336 -8.67 -8.08 -3.28
N SER D 337 -7.41 -7.97 -3.71
CA SER D 337 -7.17 -7.78 -5.13
C SER D 337 -6.87 -9.07 -5.87
N CYS D 338 -6.56 -10.15 -5.16
CA CYS D 338 -6.24 -11.39 -5.86
C CYS D 338 -6.47 -12.53 -4.90
N LEU D 339 -7.02 -13.63 -5.41
CA LEU D 339 -7.05 -14.83 -4.59
C LEU D 339 -6.92 -16.04 -5.49
N GLY D 340 -6.51 -17.16 -4.90
CA GLY D 340 -6.25 -18.34 -5.69
C GLY D 340 -6.26 -19.57 -4.82
N VAL D 341 -6.70 -20.66 -5.43
CA VAL D 341 -6.84 -21.95 -4.75
C VAL D 341 -5.88 -22.93 -5.40
N THR D 342 -5.21 -23.70 -4.56
CA THR D 342 -4.28 -24.73 -4.99
C THR D 342 -4.95 -25.73 -5.92
N ASP D 343 -4.17 -26.29 -6.84
CA ASP D 343 -4.69 -27.34 -7.71
C ASP D 343 -4.95 -28.63 -6.94
N ASP D 344 -4.27 -28.79 -5.79
CA ASP D 344 -4.52 -29.95 -4.90
C ASP D 344 -5.77 -29.69 -4.07
N GLY D 345 -6.25 -28.44 -4.07
CA GLY D 345 -7.45 -28.08 -3.35
C GLY D 345 -7.32 -27.95 -1.85
N MET D 346 -6.10 -27.82 -1.33
CA MET D 346 -5.96 -27.82 0.12
C MET D 346 -6.05 -26.41 0.71
N ALA D 347 -5.28 -25.47 0.16
CA ALA D 347 -5.20 -24.14 0.74
C ALA D 347 -5.73 -23.08 -0.22
N VAL D 348 -6.13 -21.94 0.35
CA VAL D 348 -6.59 -20.81 -0.43
C VAL D 348 -5.83 -19.56 0.00
N ALA D 349 -4.99 -19.03 -0.88
CA ALA D 349 -4.28 -17.82 -0.53
C ALA D 349 -5.00 -16.63 -1.11
N THR D 350 -4.99 -15.53 -0.38
CA THR D 350 -5.64 -14.30 -0.81
C THR D 350 -4.76 -13.08 -0.53
N GLY D 351 -4.41 -12.35 -1.58
CA GLY D 351 -3.69 -11.12 -1.43
C GLY D 351 -4.64 -9.94 -1.58
N SER D 352 -4.16 -8.79 -1.15
CA SER D 352 -5.00 -7.61 -1.08
C SER D 352 -4.13 -6.36 -1.06
N TRP D 353 -4.79 -5.22 -1.00
CA TRP D 353 -4.12 -3.94 -1.09
C TRP D 353 -3.45 -3.52 0.22
N ASP D 354 -3.66 -4.26 1.31
CA ASP D 354 -2.94 -4.00 2.55
C ASP D 354 -1.62 -4.75 2.62
N SER D 355 -1.13 -5.27 1.49
CA SER D 355 0.19 -5.86 1.31
C SER D 355 0.39 -7.14 2.11
N PHE D 356 -0.70 -7.85 2.43
CA PHE D 356 -0.64 -9.06 3.22
C PHE D 356 -1.27 -10.22 2.46
N LEU D 357 -0.47 -11.18 2.02
CA LEU D 357 -1.02 -12.45 1.58
C LEU D 357 -1.41 -13.28 2.81
N LYS D 358 -2.69 -13.57 2.97
CA LYS D 358 -3.12 -14.52 3.99
C LYS D 358 -3.41 -15.88 3.37
N ILE D 359 -3.08 -16.97 4.07
CA ILE D 359 -3.39 -18.29 3.54
C ILE D 359 -4.33 -19.01 4.48
N TRP D 360 -5.55 -19.22 4.01
CA TRP D 360 -6.66 -19.74 4.76
C TRP D 360 -6.82 -21.22 4.43
N ASN D 361 -7.48 -21.94 5.33
CA ASN D 361 -7.73 -23.36 5.13
C ASN D 361 -8.87 -23.82 6.03
N MET E 40 -28.87 -23.69 -25.04
CA MET E 40 -28.70 -25.08 -25.44
C MET E 40 -28.95 -26.01 -24.25
N LEU E 41 -30.20 -26.03 -23.79
CA LEU E 41 -30.69 -26.90 -22.71
C LEU E 41 -29.90 -26.67 -21.41
N VAL E 42 -30.11 -25.47 -20.86
CA VAL E 42 -29.38 -24.98 -19.69
C VAL E 42 -29.60 -25.85 -18.46
N SER E 43 -30.74 -26.55 -18.39
CA SER E 43 -31.03 -27.42 -17.26
C SER E 43 -30.09 -28.63 -17.25
N LYS E 44 -29.85 -29.20 -18.42
CA LYS E 44 -28.92 -30.32 -18.55
C LYS E 44 -27.51 -29.90 -18.19
N CYS E 45 -27.12 -28.70 -18.60
CA CYS E 45 -25.78 -28.21 -18.33
C CYS E 45 -25.54 -27.88 -16.87
N CYS E 46 -26.51 -27.24 -16.19
CA CYS E 46 -26.32 -26.99 -14.77
C CYS E 46 -26.42 -28.28 -13.98
N GLU E 47 -27.18 -29.26 -14.49
CA GLU E 47 -27.19 -30.57 -13.88
C GLU E 47 -25.83 -31.26 -14.05
N GLU E 48 -25.15 -31.01 -15.18
CA GLU E 48 -23.80 -31.53 -15.36
C GLU E 48 -22.83 -30.91 -14.37
N VAL E 49 -22.95 -29.60 -14.15
CA VAL E 49 -22.12 -28.92 -13.14
C VAL E 49 -22.41 -29.49 -11.76
N ARG E 50 -23.69 -29.77 -11.48
CA ARG E 50 -24.11 -30.33 -10.20
C ARG E 50 -23.55 -31.73 -9.99
N ASP E 51 -23.68 -32.60 -10.99
CA ASP E 51 -23.20 -33.97 -10.79
C ASP E 51 -21.68 -34.04 -10.77
N TYR E 52 -21.02 -33.13 -11.50
CA TYR E 52 -19.56 -33.03 -11.45
C TYR E 52 -19.10 -32.65 -10.06
N VAL E 53 -19.72 -31.64 -9.45
CA VAL E 53 -19.23 -31.20 -8.15
C VAL E 53 -19.62 -32.19 -7.06
N GLU E 54 -20.82 -32.80 -7.16
CA GLU E 54 -21.21 -33.78 -6.16
C GLU E 54 -20.43 -35.07 -6.30
N GLU E 55 -19.88 -35.34 -7.49
CA GLU E 55 -18.88 -36.38 -7.62
C GLU E 55 -17.59 -35.97 -6.90
N ARG E 56 -17.18 -34.71 -7.06
CA ARG E 56 -15.88 -34.30 -6.52
C ARG E 56 -15.94 -33.68 -5.13
N SER E 57 -17.13 -33.49 -4.54
CA SER E 57 -17.27 -32.78 -3.27
C SER E 57 -16.64 -33.51 -2.09
N GLY E 58 -16.64 -34.84 -2.08
CA GLY E 58 -16.18 -35.58 -0.94
C GLY E 58 -14.69 -35.50 -0.71
N GLU E 59 -13.91 -35.78 -1.76
CA GLU E 59 -12.46 -35.74 -1.68
C GLU E 59 -11.89 -34.33 -1.77
N ASP E 60 -12.75 -33.33 -1.85
CA ASP E 60 -12.30 -31.94 -1.85
C ASP E 60 -11.78 -31.58 -0.46
N PRO E 61 -10.53 -31.15 -0.33
CA PRO E 61 -9.96 -30.86 0.99
C PRO E 61 -10.40 -29.54 1.60
N LEU E 62 -11.40 -28.88 1.07
CA LEU E 62 -11.81 -27.64 1.71
C LEU E 62 -13.27 -27.64 2.13
N VAL E 63 -14.16 -28.28 1.37
CA VAL E 63 -15.54 -28.36 1.81
C VAL E 63 -15.73 -29.52 2.78
N LYS E 64 -15.01 -30.63 2.57
CA LYS E 64 -14.97 -31.67 3.59
C LYS E 64 -14.25 -31.17 4.84
N GLY E 65 -13.14 -30.47 4.64
CA GLY E 65 -12.38 -29.90 5.72
C GLY E 65 -11.06 -30.59 5.86
N ILE E 66 -10.38 -30.34 6.97
CA ILE E 66 -9.08 -30.91 7.23
C ILE E 66 -9.16 -31.78 8.49
N PRO E 67 -8.34 -32.82 8.60
CA PRO E 67 -8.19 -33.50 9.89
C PRO E 67 -7.04 -32.97 10.73
N GLU E 68 -6.31 -31.98 10.20
CA GLU E 68 -5.28 -31.15 10.85
C GLU E 68 -3.98 -31.91 11.11
N ASP E 69 -3.96 -33.22 10.86
CA ASP E 69 -2.73 -33.99 10.92
C ASP E 69 -2.23 -34.36 9.54
N LYS E 70 -3.13 -34.45 8.57
CA LYS E 70 -2.73 -34.53 7.18
C LYS E 70 -2.58 -33.15 6.56
N ASN E 71 -2.95 -32.10 7.29
CA ASN E 71 -2.77 -30.73 6.87
C ASN E 71 -1.29 -30.42 6.70
N PRO E 72 -0.86 -29.90 5.54
CA PRO E 72 0.50 -29.37 5.43
C PRO E 72 0.70 -28.08 6.19
N PHE E 73 -0.37 -27.38 6.54
CA PHE E 73 -0.29 -26.08 7.18
C PHE E 73 -0.50 -26.16 8.67
N LYS E 74 -0.20 -27.30 9.28
CA LYS E 74 0.16 -27.28 10.68
C LYS E 74 1.44 -26.47 10.83
N GLU E 75 1.55 -25.73 11.93
CA GLU E 75 2.57 -24.69 11.99
C GLU E 75 3.93 -25.28 12.31
N LEU E 76 4.03 -26.04 13.42
CA LEU E 76 5.27 -26.68 13.90
C LEU E 76 6.38 -25.64 14.11
N LYS E 77 6.13 -24.72 15.03
CA LYS E 77 7.02 -23.59 15.24
C LYS E 77 6.96 -23.16 16.70
N GLY E 78 7.88 -22.27 17.06
CA GLY E 78 7.94 -21.74 18.42
C GLY E 78 8.38 -20.30 18.47
#